data_6ICK
#
_entry.id   6ICK
#
_cell.length_a   135.630
_cell.length_b   135.630
_cell.length_c   155.070
_cell.angle_alpha   90.00
_cell.angle_beta   90.00
_cell.angle_gamma   120.00
#
_symmetry.space_group_name_H-M   'P 32 2 1'
#
loop_
_entity.id
_entity.type
_entity.pdbx_description
1 polymer 'Methylxanthine N1-demethylase NdmA'
2 non-polymer 'FE2/S2 (INORGANIC) CLUSTER'
3 non-polymer 'FE (III) ION'
4 water water
#
_entity_poly.entity_id   1
_entity_poly.type   'polypeptide(L)'
_entity_poly.pdbx_seq_one_letter_code
;MGSSHHHHHHENLYFQGSMEQAIINDEREYLRHFWHPVCTVTELEKAHPSSLGPLAVKLLNEQLVVAKLGDEYVAMRDRC
AHRSAKLSLGTVSGNRLQCPYHGWQYDTHGACQLVPACPNSPIPNKAKVDRFDCEERYGLIWIRLDSSFDCTEIPYFSAA
NDPRLRIVIQEPYWWDATAERRWENFTDFSHFAFIHPGTLFDPNNAEPPIVPMDRFNGQFRFVYDTPEDMAVPNQAPIGS
FSYTCSMPFAINLEVSKYSSSSLHVLFNVSCPVDSHTTKNFLIFAREQSDDSDYLHIAFNDLVFAEDKPVIESQWPKDAP
ADEVSVVADKVSIQYRKWLRELKEAHKEGSQAFRSALLDPVIESDRSYI
;
_entity_poly.pdbx_strand_id   A,B,C
#
loop_
_chem_comp.id
_chem_comp.type
_chem_comp.name
_chem_comp.formula
FE non-polymer 'FE (III) ION' 'Fe 3'
FES non-polymer 'FE2/S2 (INORGANIC) CLUSTER' 'Fe2 S2'
#
# COMPACT_ATOMS: atom_id res chain seq x y z
N ASN A 25 -13.00 1.20 -12.39
CA ASN A 25 -13.27 2.21 -13.41
C ASN A 25 -14.61 1.90 -14.08
N ASP A 26 -15.01 2.78 -15.01
CA ASP A 26 -16.33 2.75 -15.66
C ASP A 26 -16.59 1.46 -16.43
N GLU A 27 -15.57 0.63 -16.64
CA GLU A 27 -15.73 -0.66 -17.28
C GLU A 27 -16.83 -1.50 -16.63
N ARG A 28 -16.97 -1.41 -15.32
CA ARG A 28 -17.73 -2.37 -14.54
C ARG A 28 -19.14 -1.89 -14.23
N GLU A 29 -19.52 -0.71 -14.70
CA GLU A 29 -20.82 -0.14 -14.33
C GLU A 29 -21.96 -1.10 -14.67
N TYR A 30 -21.88 -1.77 -15.81
CA TYR A 30 -22.98 -2.64 -16.22
C TYR A 30 -23.17 -3.81 -15.25
N LEU A 31 -22.12 -4.20 -14.51
CA LEU A 31 -22.23 -5.31 -13.57
C LEU A 31 -23.15 -4.99 -12.40
N ARG A 32 -23.36 -3.71 -12.11
CA ARG A 32 -24.23 -3.30 -11.01
C ARG A 32 -25.68 -3.72 -11.25
N HIS A 33 -26.05 -4.04 -12.49
CA HIS A 33 -27.42 -4.41 -12.82
C HIS A 33 -27.74 -5.86 -12.49
N PHE A 34 -26.75 -6.67 -12.14
CA PHE A 34 -26.95 -8.08 -11.85
C PHE A 34 -27.02 -8.32 -10.34
N TRP A 35 -27.59 -9.46 -9.99
CA TRP A 35 -27.59 -9.94 -8.61
C TRP A 35 -26.28 -10.63 -8.33
N HIS A 36 -25.61 -10.23 -7.26
CA HIS A 36 -24.37 -10.88 -6.86
C HIS A 36 -24.49 -11.39 -5.43
N PRO A 37 -23.94 -12.57 -5.11
CA PRO A 37 -23.96 -13.02 -3.72
C PRO A 37 -22.91 -12.26 -2.92
N VAL A 38 -23.24 -11.90 -1.68
CA VAL A 38 -22.29 -11.17 -0.87
C VAL A 38 -21.82 -11.95 0.37
N CYS A 39 -22.59 -12.92 0.85
CA CYS A 39 -22.24 -13.69 2.05
C CYS A 39 -23.18 -14.89 2.12
N THR A 40 -22.81 -15.88 2.93
CA THR A 40 -23.76 -16.93 3.25
C THR A 40 -24.68 -16.45 4.37
N VAL A 41 -25.86 -17.07 4.47
CA VAL A 41 -26.72 -16.82 5.63
C VAL A 41 -25.98 -17.14 6.92
N THR A 42 -25.18 -18.22 6.92
CA THR A 42 -24.36 -18.55 8.07
C THR A 42 -23.43 -17.40 8.48
N GLU A 43 -22.74 -16.80 7.50
CA GLU A 43 -21.87 -15.66 7.81
C GLU A 43 -22.65 -14.53 8.45
N LEU A 44 -23.85 -14.25 7.94
CA LEU A 44 -24.63 -13.17 8.52
C LEU A 44 -25.00 -13.49 9.97
N GLU A 45 -25.42 -14.73 10.23
CA GLU A 45 -25.84 -15.10 11.58
C GLU A 45 -24.68 -15.15 12.56
N LYS A 46 -23.47 -15.46 12.08
CA LYS A 46 -22.29 -15.52 12.94
C LYS A 46 -21.68 -14.16 13.23
N ALA A 47 -22.05 -13.13 12.46
CA ALA A 47 -21.35 -11.85 12.52
C ALA A 47 -21.48 -11.20 13.90
N HIS A 48 -22.65 -11.29 14.51
CA HIS A 48 -22.99 -10.58 15.73
C HIS A 48 -23.72 -11.58 16.62
N PRO A 49 -23.53 -11.50 17.94
CA PRO A 49 -24.18 -12.47 18.86
C PRO A 49 -25.70 -12.52 18.76
N SER A 50 -26.35 -11.44 18.31
CA SER A 50 -27.80 -11.45 18.14
C SER A 50 -28.29 -12.43 17.06
N SER A 51 -27.40 -12.84 16.14
CA SER A 51 -27.66 -13.65 14.95
C SER A 51 -28.40 -12.89 13.85
N LEU A 52 -28.64 -11.58 14.02
CA LEU A 52 -29.37 -10.78 13.05
C LEU A 52 -28.47 -9.89 12.21
N GLY A 53 -27.15 -10.05 12.32
CA GLY A 53 -26.24 -9.05 11.79
C GLY A 53 -26.07 -7.91 12.79
N PRO A 54 -25.58 -6.74 12.33
CA PRO A 54 -25.21 -6.42 10.95
C PRO A 54 -23.92 -7.08 10.54
N LEU A 55 -23.72 -7.16 9.23
CA LEU A 55 -22.48 -7.68 8.65
C LEU A 55 -22.05 -6.74 7.55
N ALA A 56 -20.79 -6.28 7.61
CA ALA A 56 -20.24 -5.47 6.53
C ALA A 56 -19.87 -6.36 5.35
N VAL A 57 -20.24 -5.93 4.13
CA VAL A 57 -19.88 -6.64 2.91
C VAL A 57 -19.42 -5.60 1.89
N LYS A 58 -18.69 -6.06 0.88
CA LYS A 58 -18.20 -5.17 -0.17
C LYS A 58 -18.53 -5.79 -1.52
N LEU A 59 -19.07 -4.97 -2.43
CA LEU A 59 -19.53 -5.46 -3.72
C LEU A 59 -19.23 -4.38 -4.74
N LEU A 60 -18.45 -4.73 -5.77
CA LEU A 60 -18.07 -3.76 -6.81
C LEU A 60 -17.54 -2.48 -6.18
N ASN A 61 -16.70 -2.65 -5.16
CA ASN A 61 -16.07 -1.58 -4.40
C ASN A 61 -17.05 -0.69 -3.63
N GLU A 62 -18.31 -1.12 -3.41
CA GLU A 62 -19.24 -0.40 -2.54
C GLU A 62 -19.24 -1.04 -1.17
N GLN A 63 -19.16 -0.21 -0.11
CA GLN A 63 -19.21 -0.74 1.26
C GLN A 63 -20.66 -0.74 1.71
N LEU A 64 -21.20 -1.94 1.92
CA LEU A 64 -22.59 -2.14 2.26
C LEU A 64 -22.68 -2.82 3.62
N VAL A 65 -23.89 -2.82 4.18
CA VAL A 65 -24.17 -3.55 5.42
C VAL A 65 -25.45 -4.33 5.22
N VAL A 66 -25.46 -5.57 5.70
CA VAL A 66 -26.61 -6.47 5.59
C VAL A 66 -27.11 -6.78 6.99
N ALA A 67 -28.43 -6.79 7.18
CA ALA A 67 -28.99 -7.16 8.47
C ALA A 67 -30.35 -7.80 8.25
N LYS A 68 -30.76 -8.63 9.20
CA LYS A 68 -32.11 -9.20 9.20
C LYS A 68 -33.01 -8.30 10.03
N LEU A 69 -33.90 -7.57 9.35
CA LEU A 69 -34.78 -6.61 10.01
C LEU A 69 -36.19 -7.19 9.89
N GLY A 70 -36.72 -7.70 10.99
CA GLY A 70 -38.00 -8.39 10.93
C GLY A 70 -37.83 -9.63 10.08
N ASP A 71 -38.73 -9.82 9.12
CA ASP A 71 -38.67 -11.00 8.27
C ASP A 71 -37.89 -10.77 6.99
N GLU A 72 -37.16 -9.66 6.89
CA GLU A 72 -36.54 -9.23 5.65
C GLU A 72 -35.03 -9.14 5.81
N TYR A 73 -34.27 -9.60 4.81
CA TYR A 73 -32.85 -9.28 4.70
C TYR A 73 -32.70 -7.95 3.96
N VAL A 74 -31.99 -7.02 4.57
CA VAL A 74 -31.89 -5.64 4.08
C VAL A 74 -30.42 -5.30 3.83
N ALA A 75 -30.14 -4.62 2.73
CA ALA A 75 -28.81 -4.10 2.43
C ALA A 75 -28.87 -2.58 2.33
N MET A 76 -27.99 -1.90 3.05
CA MET A 76 -27.87 -0.44 2.99
C MET A 76 -26.42 -0.07 2.74
N ARG A 77 -26.19 1.18 2.35
CA ARG A 77 -24.82 1.67 2.37
C ARG A 77 -24.31 1.71 3.81
N ASP A 78 -23.07 1.24 4.00
CA ASP A 78 -22.50 1.13 5.35
C ASP A 78 -21.95 2.49 5.81
N ARG A 79 -22.84 3.47 5.95
CA ARG A 79 -22.39 4.84 6.23
C ARG A 79 -23.59 5.64 6.74
N CYS A 80 -23.56 5.98 8.03
CA CYS A 80 -24.66 6.71 8.65
C CYS A 80 -24.78 8.12 8.06
N ALA A 81 -26.02 8.57 7.85
CA ALA A 81 -26.27 9.90 7.27
C ALA A 81 -25.86 11.04 8.20
N HIS A 82 -25.78 10.79 9.51
CA HIS A 82 -25.50 11.80 10.51
C HIS A 82 -24.02 12.23 10.48
N ARG A 83 -23.11 11.34 10.92
CA ARG A 83 -21.68 11.68 10.95
C ARG A 83 -20.83 10.57 10.33
N SER A 84 -21.42 9.76 9.45
CA SER A 84 -20.69 8.85 8.55
C SER A 84 -20.04 7.66 9.25
N ALA A 85 -20.43 7.32 10.48
CA ALA A 85 -19.94 6.08 11.10
C ALA A 85 -20.45 4.87 10.34
N LYS A 86 -19.76 3.73 10.50
CA LYS A 86 -20.22 2.51 9.84
C LYS A 86 -21.37 1.89 10.64
N LEU A 87 -22.53 1.75 9.99
CA LEU A 87 -23.66 1.04 10.59
C LEU A 87 -23.33 -0.41 10.90
N SER A 88 -22.34 -0.99 10.22
CA SER A 88 -21.96 -2.38 10.50
C SER A 88 -21.32 -2.55 11.88
N LEU A 89 -20.95 -1.48 12.56
CA LEU A 89 -20.52 -1.59 13.96
C LEU A 89 -21.68 -1.40 14.92
N GLY A 90 -22.89 -1.27 14.40
CA GLY A 90 -24.07 -1.01 15.20
C GLY A 90 -24.80 -2.29 15.58
N THR A 91 -26.10 -2.16 15.82
CA THR A 91 -26.87 -3.27 16.39
C THR A 91 -28.28 -3.27 15.79
N VAL A 92 -28.86 -4.46 15.64
CA VAL A 92 -30.25 -4.56 15.21
C VAL A 92 -31.13 -4.38 16.44
N SER A 93 -32.07 -3.45 16.36
CA SER A 93 -32.95 -3.14 17.49
C SER A 93 -34.36 -3.21 16.95
N GLY A 94 -35.11 -4.22 17.39
CA GLY A 94 -36.43 -4.46 16.81
C GLY A 94 -36.26 -4.81 15.35
N ASN A 95 -36.95 -4.06 14.50
CA ASN A 95 -36.84 -4.20 13.06
C ASN A 95 -36.01 -3.08 12.44
N ARG A 96 -35.09 -2.49 13.20
CA ARG A 96 -34.30 -1.37 12.72
C ARG A 96 -32.81 -1.63 12.93
N LEU A 97 -31.98 -0.91 12.16
CA LEU A 97 -30.53 -0.95 12.29
C LEU A 97 -30.10 0.33 13.02
N GLN A 98 -29.48 0.17 14.18
CA GLN A 98 -29.11 1.30 15.03
C GLN A 98 -27.62 1.62 14.87
N CYS A 99 -27.32 2.88 14.56
CA CYS A 99 -25.93 3.31 14.41
C CYS A 99 -25.19 3.23 15.74
N PRO A 100 -23.90 2.86 15.74
CA PRO A 100 -23.16 2.79 17.02
C PRO A 100 -22.81 4.13 17.63
N TYR A 101 -22.88 5.24 16.88
CA TYR A 101 -22.30 6.49 17.37
C TYR A 101 -23.34 7.27 18.18
N HIS A 102 -24.42 7.73 17.53
CA HIS A 102 -25.45 8.44 18.31
C HIS A 102 -26.80 7.74 18.22
N GLY A 103 -26.85 6.48 17.83
CA GLY A 103 -28.05 5.71 18.02
C GLY A 103 -29.19 5.96 17.04
N TRP A 104 -28.95 6.67 15.94
CA TRP A 104 -30.00 6.80 14.93
C TRP A 104 -30.45 5.42 14.46
N GLN A 105 -31.75 5.23 14.29
CA GLN A 105 -32.27 3.92 13.89
C GLN A 105 -32.83 4.00 12.48
N TYR A 106 -32.46 3.05 11.64
CA TYR A 106 -32.87 3.04 10.24
C TYR A 106 -33.80 1.88 9.97
N ASP A 107 -34.87 2.12 9.19
CA ASP A 107 -35.84 1.08 8.88
C ASP A 107 -35.44 0.36 7.59
N THR A 108 -36.27 -0.60 7.17
CA THR A 108 -35.97 -1.43 6.00
C THR A 108 -35.81 -0.62 4.72
N HIS A 109 -36.28 0.63 4.70
CA HIS A 109 -36.11 1.47 3.52
C HIS A 109 -34.92 2.41 3.65
N GLY A 110 -34.09 2.24 4.69
CA GLY A 110 -32.99 3.16 4.91
C GLY A 110 -33.39 4.51 5.48
N ALA A 111 -34.63 4.69 5.94
CA ALA A 111 -35.06 5.96 6.50
C ALA A 111 -34.83 5.99 8.01
N CYS A 112 -34.28 7.11 8.51
CA CYS A 112 -34.13 7.24 9.96
C CYS A 112 -35.49 7.51 10.60
N GLN A 113 -35.82 6.72 11.63
CA GLN A 113 -37.10 6.83 12.31
C GLN A 113 -36.95 7.23 13.77
N LEU A 114 -35.73 7.34 14.28
CA LEU A 114 -35.51 7.78 15.65
C LEU A 114 -34.16 8.48 15.75
N VAL A 115 -34.18 9.69 16.28
CA VAL A 115 -32.99 10.46 16.62
C VAL A 115 -32.98 10.62 18.14
N PRO A 116 -32.23 9.78 18.85
CA PRO A 116 -32.36 9.77 20.32
C PRO A 116 -32.12 11.10 20.98
N ALA A 117 -31.25 11.94 20.42
CA ALA A 117 -30.91 13.19 21.09
C ALA A 117 -32.01 14.24 20.99
N CYS A 118 -32.91 14.09 20.01
CA CYS A 118 -33.95 15.09 19.72
C CYS A 118 -35.29 14.37 19.53
N PRO A 119 -35.71 13.57 20.51
CA PRO A 119 -36.75 12.56 20.22
C PRO A 119 -38.06 13.17 19.75
N ASN A 120 -38.33 14.45 20.10
CA ASN A 120 -39.56 15.13 19.74
C ASN A 120 -39.43 16.03 18.52
N SER A 121 -38.22 16.49 18.19
CA SER A 121 -38.03 17.35 17.02
C SER A 121 -38.34 16.57 15.74
N PRO A 122 -38.63 17.27 14.65
CA PRO A 122 -38.79 16.57 13.37
C PRO A 122 -37.46 16.02 12.88
N ILE A 123 -37.51 14.83 12.29
CA ILE A 123 -36.30 14.19 11.77
C ILE A 123 -35.95 14.82 10.42
N PRO A 124 -34.71 15.24 10.21
CA PRO A 124 -34.35 15.85 8.91
C PRO A 124 -34.78 15.00 7.73
N ASN A 125 -35.24 15.67 6.68
CA ASN A 125 -35.66 14.98 5.47
C ASN A 125 -34.52 14.16 4.86
N LYS A 126 -33.28 14.64 5.00
CA LYS A 126 -32.14 13.94 4.40
C LYS A 126 -31.58 12.83 5.30
N ALA A 127 -32.19 12.57 6.44
CA ALA A 127 -31.74 11.54 7.38
C ALA A 127 -32.15 10.17 6.85
N LYS A 128 -31.41 9.69 5.86
CA LYS A 128 -31.68 8.42 5.23
C LYS A 128 -30.43 7.98 4.50
N VAL A 129 -30.29 6.68 4.31
CA VAL A 129 -29.16 6.12 3.58
C VAL A 129 -29.72 5.28 2.45
N ASP A 130 -28.92 5.11 1.38
CA ASP A 130 -29.37 4.31 0.25
C ASP A 130 -29.54 2.86 0.65
N ARG A 131 -30.62 2.24 0.19
CA ARG A 131 -30.77 0.80 0.33
C ARG A 131 -30.83 0.15 -1.05
N PHE A 132 -30.66 -1.16 -1.07
CA PHE A 132 -30.49 -1.91 -2.29
C PHE A 132 -31.29 -3.20 -2.22
N ASP A 133 -31.83 -3.63 -3.36
CA ASP A 133 -32.48 -4.93 -3.44
C ASP A 133 -31.59 -6.03 -2.85
N CYS A 134 -32.19 -6.85 -1.98
CA CYS A 134 -31.44 -7.82 -1.20
C CYS A 134 -32.35 -9.00 -0.91
N GLU A 135 -31.92 -10.21 -1.26
CA GLU A 135 -32.75 -11.41 -1.08
C GLU A 135 -31.88 -12.59 -0.68
N GLU A 136 -32.41 -13.46 0.18
CA GLU A 136 -31.82 -14.76 0.40
C GLU A 136 -32.28 -15.75 -0.66
N ARG A 137 -31.36 -16.57 -1.16
CA ARG A 137 -31.75 -17.70 -1.98
C ARG A 137 -30.64 -18.74 -1.94
N TYR A 138 -31.01 -20.01 -1.74
CA TYR A 138 -30.07 -21.12 -1.66
C TYR A 138 -29.12 -21.03 -0.48
N GLY A 139 -29.42 -20.23 0.53
CA GLY A 139 -28.54 -20.10 1.67
C GLY A 139 -27.47 -19.04 1.51
N LEU A 140 -27.54 -18.25 0.44
CA LEU A 140 -26.70 -17.08 0.19
C LEU A 140 -27.56 -15.84 0.25
N ILE A 141 -26.93 -14.71 0.54
CA ILE A 141 -27.55 -13.39 0.47
C ILE A 141 -27.06 -12.72 -0.81
N TRP A 142 -28.02 -12.25 -1.62
CA TRP A 142 -27.77 -11.63 -2.93
C TRP A 142 -28.16 -10.16 -2.89
N ILE A 143 -27.38 -9.32 -3.59
CA ILE A 143 -27.65 -7.89 -3.65
C ILE A 143 -27.57 -7.46 -5.12
N ARG A 144 -28.53 -6.63 -5.55
CA ARG A 144 -28.47 -5.98 -6.85
C ARG A 144 -28.37 -4.49 -6.61
N LEU A 145 -27.26 -3.88 -7.05
CA LEU A 145 -27.00 -2.49 -6.72
C LEU A 145 -27.86 -1.53 -7.54
N ASP A 146 -28.14 -1.87 -8.79
CA ASP A 146 -28.90 -1.00 -9.70
C ASP A 146 -30.08 -1.81 -10.21
N SER A 147 -31.29 -1.44 -9.80
CA SER A 147 -32.50 -2.14 -10.19
C SER A 147 -33.26 -1.42 -11.30
N SER A 148 -32.68 -0.38 -11.90
CA SER A 148 -33.44 0.47 -12.82
C SER A 148 -33.77 -0.23 -14.14
N PHE A 149 -32.92 -1.15 -14.61
CA PHE A 149 -33.26 -1.88 -15.83
C PHE A 149 -34.30 -2.96 -15.58
N ASP A 150 -34.33 -3.54 -14.37
CA ASP A 150 -35.38 -4.45 -13.92
C ASP A 150 -35.61 -5.62 -14.89
N CYS A 151 -34.52 -6.25 -15.33
CA CYS A 151 -34.61 -7.43 -16.17
C CYS A 151 -33.66 -8.57 -15.76
N THR A 152 -33.00 -8.45 -14.62
CA THR A 152 -32.09 -9.50 -14.17
C THR A 152 -32.71 -10.24 -12.99
N GLU A 153 -32.34 -11.51 -12.83
CA GLU A 153 -32.82 -12.32 -11.73
C GLU A 153 -31.67 -13.07 -11.08
N ILE A 154 -31.93 -13.59 -9.89
CA ILE A 154 -30.91 -14.35 -9.15
C ILE A 154 -30.55 -15.62 -9.94
N PRO A 155 -29.25 -15.94 -10.10
CA PRO A 155 -28.86 -17.12 -10.88
C PRO A 155 -29.56 -18.41 -10.51
N TYR A 156 -29.55 -19.34 -11.45
CA TYR A 156 -30.26 -20.60 -11.34
C TYR A 156 -29.37 -21.70 -10.75
N PHE A 157 -29.89 -22.38 -9.72
CA PHE A 157 -29.27 -23.53 -9.06
C PHE A 157 -30.25 -24.68 -9.20
N SER A 158 -29.87 -25.72 -9.94
CA SER A 158 -30.84 -26.75 -10.32
C SER A 158 -31.21 -27.68 -9.18
N ALA A 159 -30.36 -27.82 -8.17
CA ALA A 159 -30.62 -28.77 -7.09
C ALA A 159 -31.58 -28.24 -6.05
N ALA A 160 -31.86 -26.94 -6.04
CA ALA A 160 -32.78 -26.39 -5.05
C ALA A 160 -34.14 -27.06 -5.18
N ASN A 161 -34.71 -27.46 -4.05
CA ASN A 161 -36.03 -28.09 -4.01
C ASN A 161 -36.06 -29.44 -4.75
N ASP A 162 -34.94 -30.18 -4.75
CA ASP A 162 -34.93 -31.55 -5.24
C ASP A 162 -34.74 -32.47 -4.05
N PRO A 163 -35.81 -33.11 -3.57
CA PRO A 163 -35.70 -34.01 -2.41
C PRO A 163 -34.64 -35.10 -2.52
N ARG A 164 -34.29 -35.52 -3.73
CA ARG A 164 -33.34 -36.62 -3.86
C ARG A 164 -31.91 -36.23 -3.52
N LEU A 165 -31.62 -34.96 -3.26
CA LEU A 165 -30.25 -34.45 -3.21
C LEU A 165 -29.94 -33.86 -1.83
N ARG A 166 -28.78 -34.20 -1.28
CA ARG A 166 -28.27 -33.55 -0.08
C ARG A 166 -27.39 -32.37 -0.52
N ILE A 167 -27.64 -31.19 0.05
CA ILE A 167 -26.99 -29.95 -0.36
C ILE A 167 -26.01 -29.52 0.73
N VAL A 168 -24.78 -29.15 0.33
CA VAL A 168 -23.75 -28.66 1.26
C VAL A 168 -23.30 -27.29 0.75
N ILE A 169 -23.40 -26.27 1.60
CA ILE A 169 -22.90 -24.93 1.28
C ILE A 169 -21.51 -24.81 1.89
N GLN A 170 -20.47 -24.63 1.06
CA GLN A 170 -19.13 -24.50 1.62
C GLN A 170 -18.91 -23.09 2.17
N GLU A 171 -17.89 -22.97 3.02
CA GLU A 171 -17.48 -21.64 3.42
C GLU A 171 -16.91 -20.89 2.21
N PRO A 172 -17.12 -19.58 2.13
CA PRO A 172 -16.59 -18.79 1.00
C PRO A 172 -15.08 -18.87 0.95
N TYR A 173 -14.52 -18.71 -0.26
CA TYR A 173 -13.08 -18.68 -0.43
C TYR A 173 -12.67 -17.47 -1.27
N TRP A 174 -11.62 -16.80 -0.84
CA TRP A 174 -11.23 -15.51 -1.43
C TRP A 174 -10.03 -15.71 -2.34
N TRP A 175 -10.08 -15.12 -3.53
CA TRP A 175 -8.96 -15.17 -4.46
C TRP A 175 -8.56 -13.77 -4.87
N ASP A 176 -7.26 -13.58 -5.08
CA ASP A 176 -6.77 -12.33 -5.67
C ASP A 176 -6.86 -12.42 -7.20
N ALA A 177 -8.10 -12.56 -7.69
CA ALA A 177 -8.35 -12.66 -9.12
C ALA A 177 -9.77 -12.17 -9.37
N THR A 178 -10.05 -11.76 -10.61
CA THR A 178 -11.37 -11.21 -10.93
C THR A 178 -12.38 -12.32 -11.18
N ALA A 179 -13.67 -11.94 -11.11
CA ALA A 179 -14.73 -12.91 -11.32
C ALA A 179 -14.71 -13.47 -12.75
N GLU A 180 -14.34 -12.65 -13.73
CA GLU A 180 -14.22 -13.16 -15.10
C GLU A 180 -13.16 -14.25 -15.20
N ARG A 181 -11.98 -14.02 -14.62
CA ARG A 181 -10.93 -15.02 -14.72
C ARG A 181 -11.30 -16.27 -13.94
N ARG A 182 -12.03 -16.10 -12.83
CA ARG A 182 -12.45 -17.27 -12.07
C ARG A 182 -13.48 -18.09 -12.85
N TRP A 183 -14.43 -17.41 -13.50
CA TRP A 183 -15.43 -18.09 -14.33
C TRP A 183 -14.77 -18.90 -15.45
N GLU A 184 -13.83 -18.28 -16.17
CA GLU A 184 -13.15 -18.96 -17.27
C GLU A 184 -12.35 -20.15 -16.78
N ASN A 185 -11.75 -20.05 -15.57
CA ASN A 185 -11.04 -21.20 -15.01
C ASN A 185 -12.02 -22.35 -14.74
N PHE A 186 -13.18 -22.04 -14.16
CA PHE A 186 -14.10 -23.11 -13.77
C PHE A 186 -14.66 -23.89 -14.97
N THR A 187 -14.87 -23.23 -16.11
CA THR A 187 -15.47 -23.85 -17.30
C THR A 187 -14.44 -24.34 -18.31
N ASP A 188 -13.16 -24.28 -18.00
CA ASP A 188 -12.13 -24.73 -18.92
C ASP A 188 -11.70 -26.15 -18.57
N PHE A 189 -11.59 -27.00 -19.60
CA PHE A 189 -11.09 -28.36 -19.43
C PHE A 189 -9.63 -28.52 -19.80
N SER A 190 -9.11 -27.61 -20.63
CA SER A 190 -7.72 -27.67 -21.07
C SER A 190 -6.73 -27.81 -19.92
N HIS A 191 -7.04 -27.23 -18.73
CA HIS A 191 -6.02 -27.11 -17.69
C HIS A 191 -5.88 -28.34 -16.78
N PHE A 192 -6.73 -29.36 -16.93
CA PHE A 192 -6.74 -30.48 -15.98
C PHE A 192 -5.38 -31.17 -15.90
N ALA A 193 -4.76 -31.48 -17.05
CA ALA A 193 -3.51 -32.26 -17.03
C ALA A 193 -2.41 -31.53 -16.29
N PHE A 194 -2.47 -30.21 -16.28
CA PHE A 194 -1.36 -29.41 -15.78
C PHE A 194 -1.59 -28.90 -14.38
N ILE A 195 -2.84 -28.55 -14.03
CA ILE A 195 -3.11 -28.06 -12.69
C ILE A 195 -3.62 -29.20 -11.81
N HIS A 196 -4.37 -30.13 -12.42
CA HIS A 196 -5.02 -31.19 -11.63
C HIS A 196 -4.65 -32.60 -12.07
N PRO A 197 -3.36 -32.90 -12.31
CA PRO A 197 -3.04 -34.23 -12.86
C PRO A 197 -3.39 -35.38 -11.94
N GLY A 198 -3.27 -35.19 -10.63
CA GLY A 198 -3.59 -36.27 -9.71
C GLY A 198 -5.04 -36.34 -9.32
N THR A 199 -5.78 -35.24 -9.51
CA THR A 199 -7.09 -35.07 -8.92
C THR A 199 -8.23 -35.13 -9.94
N LEU A 200 -8.10 -34.47 -11.09
CA LEU A 200 -9.16 -34.44 -12.09
C LEU A 200 -8.77 -34.98 -13.46
N PHE A 201 -7.48 -34.99 -13.81
CA PHE A 201 -7.07 -35.30 -15.19
C PHE A 201 -7.31 -36.76 -15.50
N ASP A 202 -8.07 -37.01 -16.58
CA ASP A 202 -8.38 -38.36 -17.02
C ASP A 202 -7.48 -38.73 -18.17
N PRO A 203 -6.48 -39.59 -17.99
CA PRO A 203 -5.50 -39.84 -19.08
C PRO A 203 -6.10 -40.56 -20.28
N ASN A 204 -7.38 -40.93 -20.24
CA ASN A 204 -8.07 -41.54 -21.37
C ASN A 204 -9.16 -40.64 -21.96
N ASN A 205 -9.29 -39.41 -21.48
CA ASN A 205 -10.32 -38.47 -21.90
C ASN A 205 -9.77 -37.05 -21.80
N ALA A 206 -8.67 -36.77 -22.49
CA ALA A 206 -7.98 -35.50 -22.29
C ALA A 206 -8.75 -34.35 -22.92
N GLU A 207 -9.26 -34.52 -24.12
CA GLU A 207 -9.82 -33.41 -24.89
C GLU A 207 -11.23 -33.71 -25.36
N PRO A 208 -12.25 -33.21 -24.64
CA PRO A 208 -13.59 -33.10 -25.26
C PRO A 208 -13.58 -32.04 -26.31
N PRO A 209 -14.33 -32.20 -27.37
CA PRO A 209 -14.29 -31.28 -28.47
C PRO A 209 -15.03 -29.98 -28.20
N ILE A 210 -14.90 -29.10 -29.19
CA ILE A 210 -15.78 -27.95 -29.23
C ILE A 210 -17.22 -28.45 -29.15
N VAL A 211 -18.03 -27.88 -28.25
CA VAL A 211 -19.45 -28.25 -28.20
C VAL A 211 -20.27 -27.04 -28.58
N PRO A 212 -21.49 -27.24 -29.06
CA PRO A 212 -22.37 -26.09 -29.30
C PRO A 212 -22.77 -25.44 -27.97
N MET A 213 -22.90 -24.11 -28.01
CA MET A 213 -23.28 -23.32 -26.85
C MET A 213 -24.52 -22.50 -27.21
N ASP A 214 -25.55 -22.58 -26.37
CA ASP A 214 -26.79 -21.84 -26.53
C ASP A 214 -26.87 -20.72 -25.50
N ARG A 215 -27.42 -19.58 -25.93
CA ARG A 215 -27.87 -18.53 -25.02
C ARG A 215 -29.37 -18.65 -24.87
N PHE A 216 -29.84 -18.78 -23.63
CA PHE A 216 -31.28 -18.91 -23.38
C PHE A 216 -31.58 -18.34 -22.00
N ASN A 217 -32.50 -17.37 -21.95
CA ASN A 217 -32.94 -16.77 -20.68
C ASN A 217 -31.75 -16.22 -19.88
N GLY A 218 -30.84 -15.55 -20.57
CA GLY A 218 -29.67 -14.98 -19.90
C GLY A 218 -28.69 -16.01 -19.37
N GLN A 219 -28.78 -17.26 -19.82
CA GLN A 219 -27.85 -18.32 -19.44
C GLN A 219 -27.10 -18.84 -20.65
N PHE A 220 -25.84 -19.20 -20.44
CA PHE A 220 -25.12 -20.08 -21.37
C PHE A 220 -25.44 -21.53 -21.02
N ARG A 221 -25.85 -22.31 -22.02
CA ARG A 221 -26.13 -23.73 -21.84
C ARG A 221 -25.26 -24.53 -22.80
N PHE A 222 -24.54 -25.52 -22.27
CA PHE A 222 -23.73 -26.41 -23.11
C PHE A 222 -23.51 -27.72 -22.36
N VAL A 223 -23.29 -28.78 -23.12
CA VAL A 223 -23.26 -30.13 -22.59
C VAL A 223 -22.07 -30.89 -23.18
N TYR A 224 -21.41 -31.68 -22.35
CA TYR A 224 -20.46 -32.71 -22.78
C TYR A 224 -21.01 -34.09 -22.47
N ASP A 225 -20.67 -35.06 -23.32
CA ASP A 225 -21.10 -36.43 -23.11
C ASP A 225 -19.93 -37.34 -22.75
N SER A 240 -21.18 -37.28 -17.96
CA SER A 240 -21.93 -36.29 -18.73
C SER A 240 -22.08 -34.99 -17.94
N PHE A 241 -21.56 -33.89 -18.49
CA PHE A 241 -21.49 -32.59 -17.83
C PHE A 241 -22.44 -31.63 -18.53
N SER A 242 -23.44 -31.14 -17.80
CA SER A 242 -24.42 -30.19 -18.35
C SER A 242 -24.32 -28.87 -17.61
N TYR A 243 -23.91 -27.82 -18.32
CA TYR A 243 -23.71 -26.49 -17.75
C TYR A 243 -24.90 -25.60 -18.03
N THR A 244 -25.37 -24.91 -16.98
CA THR A 244 -26.28 -23.78 -17.11
C THR A 244 -25.63 -22.61 -16.39
N CYS A 245 -25.16 -21.63 -17.13
CA CYS A 245 -24.36 -20.54 -16.57
C CYS A 245 -25.15 -19.24 -16.63
N SER A 246 -25.75 -18.84 -15.51
CA SER A 246 -26.44 -17.56 -15.44
C SER A 246 -25.43 -16.43 -15.52
N MET A 247 -25.52 -15.62 -16.58
CA MET A 247 -24.57 -14.54 -16.76
C MET A 247 -24.74 -13.50 -15.67
N PRO A 248 -23.63 -12.90 -15.22
CA PRO A 248 -22.28 -13.07 -15.71
C PRO A 248 -21.37 -14.08 -14.97
N PHE A 249 -21.63 -14.42 -13.71
CA PHE A 249 -20.60 -15.08 -12.91
C PHE A 249 -21.02 -16.40 -12.26
N ALA A 250 -22.21 -16.92 -12.54
CA ALA A 250 -22.67 -18.13 -11.85
C ALA A 250 -22.61 -19.33 -12.78
N ILE A 251 -22.23 -20.47 -12.23
CA ILE A 251 -22.09 -21.71 -12.99
C ILE A 251 -22.84 -22.81 -12.27
N ASN A 252 -23.82 -23.42 -12.95
CA ASN A 252 -24.53 -24.59 -12.45
C ASN A 252 -24.11 -25.78 -13.30
N LEU A 253 -23.41 -26.75 -12.70
CA LEU A 253 -22.89 -27.90 -13.43
C LEU A 253 -23.54 -29.16 -12.89
N GLU A 254 -24.35 -29.82 -13.72
CA GLU A 254 -24.95 -31.10 -13.38
C GLU A 254 -24.10 -32.22 -13.98
N VAL A 255 -23.61 -33.11 -13.12
CA VAL A 255 -22.79 -34.25 -13.53
C VAL A 255 -23.61 -35.52 -13.34
N SER A 256 -23.81 -36.27 -14.42
CA SER A 256 -24.32 -37.64 -14.31
C SER A 256 -23.10 -38.56 -14.28
N LYS A 257 -22.62 -38.84 -13.06
CA LYS A 257 -21.30 -39.44 -12.85
C LYS A 257 -21.18 -40.82 -13.53
N TYR A 258 -19.94 -41.15 -13.92
CA TYR A 258 -19.62 -42.43 -14.55
C TYR A 258 -19.26 -43.50 -13.52
N SER A 259 -18.54 -43.13 -12.45
CA SER A 259 -18.07 -44.09 -11.47
C SER A 259 -19.10 -44.46 -10.41
N SER A 260 -20.27 -43.80 -10.40
CA SER A 260 -21.31 -44.10 -9.41
C SER A 260 -22.72 -44.20 -9.98
N SER A 261 -22.99 -43.71 -11.19
CA SER A 261 -24.34 -43.65 -11.78
C SER A 261 -25.31 -42.88 -10.87
N SER A 262 -24.90 -41.66 -10.49
CA SER A 262 -25.72 -40.83 -9.61
C SER A 262 -25.39 -39.36 -9.85
N LEU A 263 -26.36 -38.50 -9.52
CA LEU A 263 -26.29 -37.08 -9.85
C LEU A 263 -25.46 -36.30 -8.82
N HIS A 264 -24.62 -35.40 -9.33
CA HIS A 264 -23.79 -34.51 -8.53
C HIS A 264 -23.90 -33.13 -9.18
N VAL A 265 -24.24 -32.10 -8.39
CA VAL A 265 -24.42 -30.73 -8.90
C VAL A 265 -23.41 -29.81 -8.19
N LEU A 266 -22.66 -29.03 -8.97
CA LEU A 266 -21.77 -28.00 -8.45
C LEU A 266 -22.33 -26.64 -8.85
N PHE A 267 -22.51 -25.76 -7.88
CA PHE A 267 -22.98 -24.41 -8.13
C PHE A 267 -21.90 -23.47 -7.62
N ASN A 268 -21.25 -22.77 -8.54
CA ASN A 268 -20.15 -21.88 -8.19
C ASN A 268 -20.47 -20.47 -8.68
N VAL A 269 -20.29 -19.49 -7.81
CA VAL A 269 -20.57 -18.10 -8.16
C VAL A 269 -19.57 -17.19 -7.46
N SER A 270 -19.08 -16.19 -8.18
CA SER A 270 -18.07 -15.26 -7.68
C SER A 270 -18.69 -13.92 -7.36
N CYS A 271 -18.40 -13.41 -6.16
CA CYS A 271 -18.70 -12.02 -5.84
C CYS A 271 -17.57 -11.12 -6.30
N PRO A 272 -17.82 -10.21 -7.25
CA PRO A 272 -16.79 -9.22 -7.62
C PRO A 272 -16.62 -8.16 -6.52
N VAL A 273 -15.70 -8.38 -5.59
CA VAL A 273 -15.59 -7.53 -4.42
C VAL A 273 -15.04 -6.16 -4.80
N ASP A 274 -13.97 -6.15 -5.60
CA ASP A 274 -13.41 -4.93 -6.15
C ASP A 274 -12.70 -5.32 -7.45
N SER A 275 -11.84 -4.43 -7.95
CA SER A 275 -11.20 -4.64 -9.25
C SER A 275 -10.24 -5.82 -9.28
N HIS A 276 -9.77 -6.35 -8.13
CA HIS A 276 -8.80 -7.43 -8.17
C HIS A 276 -9.10 -8.59 -7.22
N THR A 277 -10.32 -8.68 -6.67
CA THR A 277 -10.64 -9.61 -5.60
C THR A 277 -11.98 -10.28 -5.89
N THR A 278 -12.07 -11.57 -5.59
CA THR A 278 -13.35 -12.25 -5.60
C THR A 278 -13.58 -12.95 -4.27
N LYS A 279 -14.82 -12.94 -3.82
CA LYS A 279 -15.29 -13.81 -2.75
C LYS A 279 -16.14 -14.88 -3.41
N ASN A 280 -15.70 -16.14 -3.33
CA ASN A 280 -16.29 -17.20 -4.14
C ASN A 280 -17.09 -18.17 -3.27
N PHE A 281 -18.21 -18.65 -3.82
CA PHE A 281 -19.14 -19.52 -3.12
C PHE A 281 -19.27 -20.80 -3.92
N LEU A 282 -19.17 -21.94 -3.23
CA LEU A 282 -19.46 -23.23 -3.83
C LEU A 282 -20.57 -23.90 -3.01
N ILE A 283 -21.61 -24.33 -3.68
CA ILE A 283 -22.64 -25.17 -3.10
C ILE A 283 -22.63 -26.47 -3.91
N PHE A 284 -22.63 -27.62 -3.24
CA PHE A 284 -22.72 -28.86 -4.03
C PHE A 284 -23.81 -29.78 -3.50
N ALA A 285 -24.44 -30.50 -4.43
CA ALA A 285 -25.57 -31.38 -4.11
C ALA A 285 -25.28 -32.76 -4.66
N ARG A 286 -25.69 -33.79 -3.94
CA ARG A 286 -25.38 -35.14 -4.38
C ARG A 286 -26.52 -36.07 -4.05
N GLU A 287 -26.75 -37.02 -4.95
CA GLU A 287 -27.81 -38.01 -4.82
C GLU A 287 -27.42 -39.12 -3.86
N GLN A 288 -26.21 -39.66 -4.03
CA GLN A 288 -25.65 -40.64 -3.09
C GLN A 288 -25.01 -39.88 -1.95
N SER A 289 -25.71 -39.83 -0.80
CA SER A 289 -25.38 -38.93 0.29
C SER A 289 -25.12 -39.66 1.61
N ASP A 290 -24.76 -40.94 1.55
CA ASP A 290 -24.42 -41.65 2.77
C ASP A 290 -22.94 -41.63 3.10
N ASP A 291 -22.11 -41.06 2.23
CA ASP A 291 -20.70 -40.84 2.53
C ASP A 291 -20.54 -39.55 3.32
N SER A 292 -19.29 -39.24 3.69
CA SER A 292 -19.00 -38.03 4.47
C SER A 292 -19.06 -36.78 3.60
N ASP A 293 -19.74 -35.74 4.10
CA ASP A 293 -19.63 -34.42 3.47
C ASP A 293 -18.18 -33.99 3.29
N TYR A 294 -17.32 -34.32 4.24
CA TYR A 294 -15.92 -33.85 4.24
C TYR A 294 -15.05 -34.57 3.23
N LEU A 295 -15.43 -35.76 2.78
CA LEU A 295 -14.78 -36.36 1.62
C LEU A 295 -14.82 -35.41 0.44
N HIS A 296 -16.01 -34.83 0.18
CA HIS A 296 -16.21 -33.95 -0.96
C HIS A 296 -15.64 -32.56 -0.70
N ILE A 297 -15.85 -32.00 0.49
CA ILE A 297 -15.30 -30.68 0.80
C ILE A 297 -13.79 -30.69 0.67
N ALA A 298 -13.14 -31.72 1.23
CA ALA A 298 -11.68 -31.81 1.13
C ALA A 298 -11.25 -31.88 -0.34
N PHE A 299 -11.98 -32.63 -1.16
CA PHE A 299 -11.62 -32.76 -2.57
C PHE A 299 -11.79 -31.43 -3.30
N ASN A 300 -12.93 -30.77 -3.10
CA ASN A 300 -13.14 -29.45 -3.70
C ASN A 300 -12.05 -28.47 -3.27
N ASP A 301 -11.73 -28.46 -1.97
CA ASP A 301 -10.70 -27.57 -1.45
C ASP A 301 -9.35 -27.85 -2.09
N LEU A 302 -9.02 -29.12 -2.30
CA LEU A 302 -7.76 -29.47 -2.96
C LEU A 302 -7.72 -28.93 -4.40
N VAL A 303 -8.81 -29.12 -5.14
CA VAL A 303 -8.93 -28.58 -6.51
C VAL A 303 -8.73 -27.07 -6.51
N PHE A 304 -9.46 -26.36 -5.64
CA PHE A 304 -9.30 -24.91 -5.60
C PHE A 304 -7.89 -24.50 -5.20
N ALA A 305 -7.25 -25.25 -4.30
CA ALA A 305 -5.87 -24.93 -3.91
C ALA A 305 -4.91 -25.08 -5.08
N GLU A 306 -5.19 -26.03 -5.99
CA GLU A 306 -4.35 -26.23 -7.18
C GLU A 306 -4.53 -25.09 -8.18
N ASP A 307 -5.77 -24.69 -8.43
CA ASP A 307 -6.04 -23.58 -9.35
C ASP A 307 -5.49 -22.26 -8.81
N LYS A 308 -5.69 -21.99 -7.51
CA LYS A 308 -5.59 -20.64 -6.98
C LYS A 308 -4.30 -19.90 -7.34
N PRO A 309 -3.10 -20.44 -7.09
CA PRO A 309 -1.92 -19.62 -7.37
C PRO A 309 -1.74 -19.35 -8.85
N VAL A 310 -2.17 -20.25 -9.74
CA VAL A 310 -2.03 -19.98 -11.17
C VAL A 310 -2.97 -18.87 -11.59
N ILE A 311 -4.23 -18.94 -11.15
CA ILE A 311 -5.18 -17.91 -11.53
C ILE A 311 -4.79 -16.56 -10.94
N GLU A 312 -4.35 -16.55 -9.68
CA GLU A 312 -3.92 -15.29 -9.09
C GLU A 312 -2.69 -14.70 -9.80
N SER A 313 -1.89 -15.53 -10.46
CA SER A 313 -0.72 -15.02 -11.18
C SER A 313 -1.07 -14.33 -12.50
N GLN A 314 -2.28 -14.55 -13.03
CA GLN A 314 -2.64 -13.95 -14.31
C GLN A 314 -2.64 -12.44 -14.23
N TRP A 315 -1.93 -11.81 -15.16
CA TRP A 315 -1.76 -10.36 -15.15
C TRP A 315 -1.66 -9.80 -16.57
N PRO A 316 -2.22 -8.60 -16.78
CA PRO A 316 -2.99 -7.84 -15.78
C PRO A 316 -4.30 -8.54 -15.37
N LYS A 317 -4.93 -8.04 -14.31
CA LYS A 317 -6.05 -8.75 -13.70
C LYS A 317 -7.20 -8.95 -14.68
N ASP A 318 -7.53 -7.92 -15.48
CA ASP A 318 -8.50 -8.02 -16.58
C ASP A 318 -7.79 -8.40 -17.87
N ALA A 319 -8.36 -9.40 -18.57
CA ALA A 319 -7.76 -9.93 -19.79
C ALA A 319 -7.64 -8.84 -20.85
N PRO A 320 -6.44 -8.53 -21.32
CA PRO A 320 -6.30 -7.55 -22.40
C PRO A 320 -6.55 -8.20 -23.77
N ALA A 321 -6.64 -7.34 -24.78
CA ALA A 321 -6.88 -7.78 -26.14
C ALA A 321 -5.73 -8.59 -26.73
N ASP A 322 -4.54 -8.56 -26.13
CA ASP A 322 -3.40 -9.27 -26.71
C ASP A 322 -3.36 -10.75 -26.35
N GLU A 323 -4.32 -11.26 -25.58
CA GLU A 323 -4.29 -12.70 -25.30
C GLU A 323 -4.59 -13.50 -26.57
N VAL A 324 -3.96 -14.65 -26.67
CA VAL A 324 -3.98 -15.48 -27.87
C VAL A 324 -4.85 -16.69 -27.60
N SER A 325 -6.00 -16.77 -28.26
CA SER A 325 -6.88 -17.92 -28.11
C SER A 325 -6.58 -18.99 -29.16
N VAL A 326 -6.91 -20.23 -28.81
CA VAL A 326 -6.90 -21.34 -29.75
C VAL A 326 -8.33 -21.89 -29.84
N VAL A 327 -8.55 -22.84 -30.75
CA VAL A 327 -9.92 -23.27 -31.01
C VAL A 327 -10.52 -23.95 -29.77
N ALA A 328 -9.69 -24.63 -29.00
CA ALA A 328 -10.13 -25.25 -27.75
C ALA A 328 -10.68 -24.26 -26.73
N ASP A 329 -10.50 -22.95 -26.93
CA ASP A 329 -10.97 -21.94 -25.99
C ASP A 329 -12.39 -21.45 -26.29
N LYS A 330 -13.19 -22.24 -27.00
CA LYS A 330 -14.50 -21.75 -27.44
C LYS A 330 -15.31 -21.16 -26.29
N VAL A 331 -15.41 -21.88 -25.17
CA VAL A 331 -16.25 -21.39 -24.08
C VAL A 331 -15.79 -20.01 -23.62
N SER A 332 -14.47 -19.85 -23.42
CA SER A 332 -13.90 -18.56 -23.03
C SER A 332 -14.13 -17.49 -24.09
N ILE A 333 -13.94 -17.84 -25.37
CA ILE A 333 -14.14 -16.84 -26.43
C ILE A 333 -15.58 -16.35 -26.44
N GLN A 334 -16.53 -17.28 -26.37
CA GLN A 334 -17.94 -16.91 -26.44
C GLN A 334 -18.38 -16.12 -25.22
N TYR A 335 -17.83 -16.50 -24.05
CA TYR A 335 -18.09 -15.77 -22.81
C TYR A 335 -17.66 -14.32 -22.93
N ARG A 336 -16.43 -14.07 -23.38
CA ARG A 336 -15.95 -12.70 -23.52
C ARG A 336 -16.79 -11.93 -24.53
N LYS A 337 -17.17 -12.58 -25.62
CA LYS A 337 -18.02 -11.93 -26.63
C LYS A 337 -19.32 -11.46 -26.01
N TRP A 338 -19.99 -12.34 -25.26
CA TRP A 338 -21.28 -11.96 -24.66
C TRP A 338 -21.12 -10.83 -23.66
N LEU A 339 -20.08 -10.90 -22.80
CA LEU A 339 -19.83 -9.79 -21.87
C LEU A 339 -19.60 -8.48 -22.61
N ARG A 340 -18.85 -8.51 -23.71
CA ARG A 340 -18.65 -7.29 -24.47
C ARG A 340 -19.98 -6.73 -24.98
N GLU A 341 -20.86 -7.61 -25.45
CA GLU A 341 -22.17 -7.18 -25.94
C GLU A 341 -23.01 -6.58 -24.83
N LEU A 342 -23.01 -7.21 -23.65
CA LEU A 342 -23.76 -6.67 -22.51
C LEU A 342 -23.24 -5.30 -22.13
N LYS A 343 -21.93 -5.13 -22.15
CA LYS A 343 -21.37 -3.85 -21.78
C LYS A 343 -21.74 -2.76 -22.79
N GLU A 344 -21.72 -3.09 -24.07
CA GLU A 344 -22.11 -2.10 -25.07
C GLU A 344 -23.61 -1.82 -25.02
N ALA A 345 -24.43 -2.86 -24.85
CA ALA A 345 -25.87 -2.66 -24.75
C ALA A 345 -26.26 -1.80 -23.54
N HIS A 346 -25.58 -2.00 -22.40
CA HIS A 346 -25.82 -1.14 -21.23
C HIS A 346 -25.66 0.34 -21.57
N LYS A 347 -24.66 0.68 -22.39
CA LYS A 347 -24.48 2.08 -22.75
C LYS A 347 -25.65 2.59 -23.59
N GLU A 348 -26.33 1.70 -24.28
CA GLU A 348 -27.48 2.08 -25.11
C GLU A 348 -28.80 2.10 -24.36
N GLY A 349 -28.88 1.53 -23.17
CA GLY A 349 -30.01 1.72 -22.29
C GLY A 349 -30.77 0.43 -22.04
N SER A 350 -31.87 0.60 -21.31
CA SER A 350 -32.56 -0.53 -20.67
C SER A 350 -33.02 -1.55 -21.70
N GLN A 351 -33.61 -1.08 -22.80
CA GLN A 351 -34.17 -2.03 -23.75
C GLN A 351 -33.08 -2.74 -24.54
N ALA A 352 -32.02 -2.03 -24.90
CA ALA A 352 -30.89 -2.69 -25.57
C ALA A 352 -30.30 -3.78 -24.66
N PHE A 353 -30.13 -3.46 -23.38
CA PHE A 353 -29.53 -4.42 -22.44
C PHE A 353 -30.42 -5.65 -22.30
N ARG A 354 -31.73 -5.44 -22.15
CA ARG A 354 -32.65 -6.56 -22.00
C ARG A 354 -32.59 -7.51 -23.20
N SER A 355 -32.42 -6.97 -24.41
CA SER A 355 -32.34 -7.85 -25.57
C SER A 355 -31.00 -8.59 -25.61
N ALA A 356 -29.90 -7.88 -25.34
CA ALA A 356 -28.59 -8.53 -25.31
C ALA A 356 -28.58 -9.69 -24.31
N LEU A 357 -29.17 -9.47 -23.13
CA LEU A 357 -29.18 -10.50 -22.10
C LEU A 357 -30.15 -11.63 -22.41
N LEU A 358 -31.38 -11.31 -22.82
CA LEU A 358 -32.44 -12.32 -22.82
C LEU A 358 -32.78 -12.91 -24.19
N ASP A 359 -32.35 -12.31 -25.30
CA ASP A 359 -32.65 -12.91 -26.60
C ASP A 359 -31.96 -14.26 -26.72
N PRO A 360 -32.65 -15.28 -27.23
CA PRO A 360 -32.01 -16.59 -27.40
C PRO A 360 -31.10 -16.62 -28.61
N VAL A 361 -30.08 -17.47 -28.53
CA VAL A 361 -29.16 -17.75 -29.62
C VAL A 361 -28.82 -19.23 -29.52
N ILE A 362 -29.47 -20.04 -30.35
CA ILE A 362 -29.35 -21.50 -30.26
C ILE A 362 -28.42 -21.97 -31.36
N GLU A 363 -27.49 -22.88 -31.02
CA GLU A 363 -26.73 -23.57 -32.03
C GLU A 363 -26.72 -25.08 -31.86
N SER A 364 -27.20 -25.61 -30.73
CA SER A 364 -27.40 -27.05 -30.62
C SER A 364 -28.73 -27.39 -31.27
N ASP A 365 -29.15 -28.66 -31.16
CA ASP A 365 -30.46 -29.08 -31.65
C ASP A 365 -31.45 -29.32 -30.52
N ARG A 366 -31.14 -28.87 -29.31
CA ARG A 366 -32.09 -28.95 -28.21
C ARG A 366 -33.24 -27.97 -28.43
N SER A 367 -34.41 -28.36 -27.96
CA SER A 367 -35.66 -27.80 -28.47
C SER A 367 -36.07 -26.49 -27.84
N TYR A 368 -35.58 -26.16 -26.63
CA TYR A 368 -35.96 -24.89 -26.00
C TYR A 368 -35.67 -23.71 -26.93
N ASN B 25 -5.88 18.34 -0.47
CA ASN B 25 -4.52 18.82 -0.26
C ASN B 25 -4.47 20.33 0.13
N ASP B 26 -4.75 21.25 -0.80
CA ASP B 26 -4.74 22.68 -0.49
C ASP B 26 -5.79 23.07 0.55
N GLU B 27 -6.76 22.19 0.83
CA GLU B 27 -7.81 22.50 1.81
C GLU B 27 -7.23 22.62 3.22
N ARG B 28 -6.08 22.00 3.47
CA ARG B 28 -5.51 21.97 4.79
C ARG B 28 -4.38 22.98 4.97
N GLU B 29 -4.06 23.77 3.94
CA GLU B 29 -2.90 24.65 4.06
C GLU B 29 -3.06 25.66 5.19
N TYR B 30 -4.29 26.10 5.48
CA TYR B 30 -4.46 27.07 6.56
C TYR B 30 -4.06 26.51 7.91
N LEU B 31 -4.07 25.17 8.08
CA LEU B 31 -3.68 24.57 9.36
C LEU B 31 -2.20 24.77 9.69
N ARG B 32 -1.38 25.02 8.67
CA ARG B 32 0.05 25.27 8.90
C ARG B 32 0.31 26.54 9.75
N HIS B 33 -0.67 27.44 9.85
CA HIS B 33 -0.47 28.67 10.61
C HIS B 33 -0.64 28.49 12.11
N PHE B 34 -1.13 27.35 12.56
CA PHE B 34 -1.32 27.08 13.99
C PHE B 34 -0.15 26.29 14.56
N TRP B 35 0.00 26.37 15.88
CA TRP B 35 0.93 25.54 16.64
C TRP B 35 0.27 24.18 16.90
N HIS B 36 1.00 23.11 16.62
CA HIS B 36 0.52 21.76 16.84
C HIS B 36 1.54 21.00 17.67
N PRO B 37 1.09 20.20 18.65
CA PRO B 37 2.04 19.35 19.38
C PRO B 37 2.51 18.21 18.49
N VAL B 38 3.79 17.88 18.56
CA VAL B 38 4.30 16.77 17.77
C VAL B 38 4.82 15.61 18.62
N CYS B 39 5.20 15.85 19.88
CA CYS B 39 5.69 14.79 20.75
C CYS B 39 5.70 15.33 22.17
N THR B 40 5.79 14.43 23.14
CA THR B 40 6.05 14.85 24.51
C THR B 40 7.55 15.11 24.68
N VAL B 41 7.90 15.94 25.67
CA VAL B 41 9.31 16.10 26.01
C VAL B 41 9.92 14.74 26.35
N THR B 42 9.15 13.89 27.04
CA THR B 42 9.61 12.53 27.36
C THR B 42 9.99 11.76 26.11
N GLU B 43 9.16 11.80 25.06
CA GLU B 43 9.49 11.10 23.82
C GLU B 43 10.78 11.61 23.22
N LEU B 44 10.99 12.93 23.23
CA LEU B 44 12.22 13.49 22.69
C LEU B 44 13.42 12.99 23.47
N GLU B 45 13.33 13.00 24.80
CA GLU B 45 14.48 12.58 25.61
C GLU B 45 14.75 11.09 25.52
N LYS B 46 13.71 10.27 25.25
CA LYS B 46 13.88 8.83 25.11
C LYS B 46 14.38 8.43 23.72
N ALA B 47 14.28 9.32 22.73
CA ALA B 47 14.56 8.93 21.35
C ALA B 47 15.99 8.42 21.16
N HIS B 48 16.96 9.06 21.79
CA HIS B 48 18.38 8.82 21.59
C HIS B 48 19.02 8.81 22.96
N PRO B 49 20.09 8.01 23.16
CA PRO B 49 20.71 7.92 24.50
C PRO B 49 21.21 9.24 25.05
N SER B 50 21.55 10.21 24.20
CA SER B 50 22.01 11.49 24.71
C SER B 50 20.93 12.29 25.43
N SER B 51 19.65 11.93 25.25
CA SER B 51 18.47 12.65 25.74
C SER B 51 18.23 13.97 24.99
N LEU B 52 19.01 14.27 23.94
CA LEU B 52 18.85 15.50 23.19
C LEU B 52 18.15 15.30 21.85
N GLY B 53 17.67 14.08 21.56
CA GLY B 53 17.20 13.80 20.21
C GLY B 53 18.41 13.40 19.39
N PRO B 54 18.30 13.43 18.05
CA PRO B 54 17.13 13.88 17.28
C PRO B 54 15.97 12.91 17.32
N LEU B 55 14.77 13.42 17.02
CA LEU B 55 13.56 12.61 16.90
C LEU B 55 12.84 13.00 15.62
N ALA B 56 12.50 12.00 14.79
CA ALA B 56 11.69 12.25 13.61
C ALA B 56 10.24 12.41 14.00
N VAL B 57 9.57 13.42 13.44
CA VAL B 57 8.14 13.60 13.66
C VAL B 57 7.52 13.94 12.32
N LYS B 58 6.20 13.78 12.24
CA LYS B 58 5.49 14.10 11.01
C LYS B 58 4.29 14.98 11.34
N LEU B 59 4.16 16.10 10.64
CA LEU B 59 3.09 17.06 10.91
C LEU B 59 2.55 17.56 9.58
N LEU B 60 1.23 17.41 9.39
CA LEU B 60 0.57 17.80 8.14
C LEU B 60 1.34 17.25 6.94
N ASN B 61 1.76 16.00 7.07
CA ASN B 61 2.48 15.21 6.06
C ASN B 61 3.89 15.73 5.77
N GLU B 62 4.43 16.63 6.59
CA GLU B 62 5.82 17.09 6.45
C GLU B 62 6.71 16.27 7.36
N GLN B 63 7.84 15.81 6.84
CA GLN B 63 8.80 15.05 7.64
C GLN B 63 9.79 16.01 8.29
N LEU B 64 9.76 16.07 9.62
CA LEU B 64 10.53 17.02 10.40
C LEU B 64 11.42 16.26 11.37
N VAL B 65 12.44 16.95 11.87
CA VAL B 65 13.31 16.42 12.90
C VAL B 65 13.37 17.43 14.04
N VAL B 66 13.29 16.94 15.28
CA VAL B 66 13.32 17.75 16.49
C VAL B 66 14.57 17.41 17.27
N ALA B 67 15.22 18.42 17.85
CA ALA B 67 16.43 18.18 18.62
C ALA B 67 16.59 19.31 19.63
N LYS B 68 17.33 19.05 20.71
CA LYS B 68 17.63 20.08 21.69
C LYS B 68 19.08 20.52 21.47
N LEU B 69 19.26 21.74 20.97
CA LEU B 69 20.58 22.29 20.69
C LEU B 69 20.86 23.39 21.73
N GLY B 70 21.74 23.10 22.68
CA GLY B 70 21.94 24.03 23.79
C GLY B 70 20.66 24.09 24.60
N ASP B 71 20.15 25.30 24.83
CA ASP B 71 18.92 25.48 25.59
C ASP B 71 17.67 25.55 24.71
N GLU B 72 17.78 25.26 23.42
CA GLU B 72 16.71 25.52 22.49
C GLU B 72 16.21 24.22 21.88
N TYR B 73 14.89 24.04 21.84
CA TYR B 73 14.30 23.01 20.99
C TYR B 73 14.18 23.53 19.57
N VAL B 74 14.68 22.76 18.60
CA VAL B 74 14.66 23.18 17.21
C VAL B 74 13.92 22.13 16.38
N ALA B 75 13.34 22.58 15.28
CA ALA B 75 12.63 21.72 14.34
C ALA B 75 13.09 22.08 12.93
N MET B 76 13.56 21.09 12.19
CA MET B 76 14.02 21.32 10.82
C MET B 76 13.34 20.33 9.89
N ARG B 77 13.39 20.61 8.61
CA ARG B 77 13.03 19.56 7.66
C ARG B 77 14.01 18.42 7.80
N ASP B 78 13.49 17.19 7.84
CA ASP B 78 14.31 16.01 8.08
C ASP B 78 14.99 15.56 6.78
N ARG B 79 15.86 16.42 6.25
CA ARG B 79 16.43 16.18 4.93
C ARG B 79 17.66 17.05 4.77
N CYS B 80 18.84 16.42 4.71
CA CYS B 80 20.09 17.17 4.56
C CYS B 80 20.17 17.82 3.18
N ALA B 81 20.70 19.06 3.15
CA ALA B 81 20.86 19.79 1.88
C ALA B 81 21.87 19.15 0.92
N HIS B 82 22.82 18.38 1.43
CA HIS B 82 23.89 17.82 0.62
C HIS B 82 23.40 16.68 -0.28
N ARG B 83 23.04 15.52 0.32
CA ARG B 83 22.62 14.35 -0.43
C ARG B 83 21.32 13.76 0.13
N SER B 84 20.51 14.58 0.81
CA SER B 84 19.12 14.28 1.18
C SER B 84 18.98 13.15 2.19
N ALA B 85 20.02 12.82 2.96
CA ALA B 85 19.85 11.85 4.04
C ALA B 85 18.98 12.45 5.15
N LYS B 86 18.39 11.56 5.97
CA LYS B 86 17.57 12.03 7.09
C LYS B 86 18.46 12.48 8.26
N LEU B 87 18.31 13.74 8.66
CA LEU B 87 19.02 14.25 9.84
C LEU B 87 18.58 13.55 11.11
N SER B 88 17.34 13.01 11.14
CA SER B 88 16.88 12.27 12.31
C SER B 88 17.68 11.01 12.57
N LEU B 89 18.50 10.55 11.63
CA LEU B 89 19.41 9.44 11.88
C LEU B 89 20.78 9.94 12.36
N GLY B 90 20.93 11.24 12.54
CA GLY B 90 22.18 11.85 12.97
C GLY B 90 22.31 12.02 14.47
N THR B 91 23.12 13.00 14.86
CA THR B 91 23.58 13.13 16.24
C THR B 91 23.61 14.60 16.62
N VAL B 92 23.20 14.92 17.84
CA VAL B 92 23.41 16.25 18.38
C VAL B 92 24.82 16.32 18.93
N SER B 93 25.57 17.35 18.52
CA SER B 93 26.94 17.57 18.97
C SER B 93 27.01 19.03 19.39
N GLY B 94 26.85 19.28 20.68
CA GLY B 94 26.80 20.63 21.20
C GLY B 94 25.66 21.48 20.69
N ASN B 95 25.96 22.61 20.05
CA ASN B 95 24.93 23.47 19.48
C ASN B 95 24.63 23.13 18.01
N ARG B 96 24.83 21.87 17.60
CA ARG B 96 24.73 21.50 16.19
C ARG B 96 24.00 20.18 16.03
N LEU B 97 23.29 20.04 14.90
CA LEU B 97 22.72 18.77 14.48
C LEU B 97 23.57 18.26 13.32
N GLN B 98 24.16 17.08 13.49
CA GLN B 98 25.14 16.55 12.55
C GLN B 98 24.50 15.46 11.71
N CYS B 99 24.57 15.62 10.38
CA CYS B 99 24.03 14.61 9.48
C CYS B 99 24.80 13.31 9.62
N PRO B 100 24.13 12.14 9.53
CA PRO B 100 24.85 10.87 9.65
C PRO B 100 25.69 10.51 8.45
N TYR B 101 25.50 11.14 7.29
CA TYR B 101 26.14 10.62 6.08
C TYR B 101 27.56 11.18 5.91
N HIS B 102 27.69 12.50 5.67
CA HIS B 102 29.03 13.08 5.56
C HIS B 102 29.29 14.11 6.66
N GLY B 103 28.49 14.11 7.72
CA GLY B 103 28.76 14.90 8.91
C GLY B 103 28.58 16.40 8.80
N TRP B 104 27.84 16.90 7.80
CA TRP B 104 27.52 18.33 7.81
C TRP B 104 26.80 18.69 9.10
N GLN B 105 27.13 19.86 9.65
CA GLN B 105 26.63 20.26 10.95
C GLN B 105 25.76 21.49 10.79
N TYR B 106 24.54 21.43 11.33
CA TYR B 106 23.55 22.49 11.15
C TYR B 106 23.33 23.22 12.46
N ASP B 107 23.25 24.56 12.41
CA ASP B 107 23.03 25.32 13.64
C ASP B 107 21.54 25.48 13.88
N THR B 108 21.18 26.25 14.91
CA THR B 108 19.77 26.36 15.28
C THR B 108 18.94 27.09 14.23
N HIS B 109 19.56 27.73 13.25
CA HIS B 109 18.82 28.40 12.19
C HIS B 109 18.73 27.56 10.93
N GLY B 110 19.13 26.30 11.00
CA GLY B 110 19.12 25.44 9.85
C GLY B 110 20.24 25.64 8.85
N ALA B 111 21.27 26.40 9.20
CA ALA B 111 22.34 26.73 8.26
C ALA B 111 23.54 25.83 8.54
N CYS B 112 24.12 25.27 7.49
CA CYS B 112 25.30 24.43 7.68
C CYS B 112 26.48 25.30 8.07
N GLN B 113 27.16 24.92 9.13
CA GLN B 113 28.32 25.69 9.58
C GLN B 113 29.61 24.88 9.53
N LEU B 114 29.56 23.63 9.10
CA LEU B 114 30.78 22.83 8.94
C LEU B 114 30.54 21.79 7.86
N VAL B 115 31.40 21.77 6.85
CA VAL B 115 31.47 20.70 5.85
C VAL B 115 32.79 19.99 6.10
N PRO B 116 32.79 18.85 6.80
CA PRO B 116 34.07 18.25 7.22
C PRO B 116 35.01 17.94 6.06
N ALA B 117 34.48 17.63 4.88
CA ALA B 117 35.36 17.26 3.78
C ALA B 117 36.06 18.47 3.16
N CYS B 118 35.58 19.68 3.43
CA CYS B 118 36.11 20.91 2.83
C CYS B 118 36.28 21.95 3.94
N PRO B 119 37.10 21.65 4.95
CA PRO B 119 37.01 22.39 6.22
C PRO B 119 37.52 23.82 6.16
N ASN B 120 38.04 24.29 5.02
CA ASN B 120 38.39 25.70 4.89
C ASN B 120 37.84 26.36 3.65
N SER B 121 37.10 25.63 2.81
CA SER B 121 36.39 26.26 1.71
C SER B 121 35.19 27.06 2.24
N PRO B 122 34.73 28.04 1.48
CA PRO B 122 33.46 28.69 1.86
C PRO B 122 32.31 27.71 1.71
N ILE B 123 31.41 27.73 2.67
CA ILE B 123 30.26 26.83 2.66
C ILE B 123 29.24 27.34 1.65
N PRO B 124 28.73 26.50 0.75
CA PRO B 124 27.76 26.99 -0.26
C PRO B 124 26.59 27.70 0.38
N ASN B 125 26.11 28.76 -0.28
CA ASN B 125 24.94 29.47 0.22
C ASN B 125 23.73 28.56 0.31
N LYS B 126 23.67 27.57 -0.58
CA LYS B 126 22.61 26.57 -0.61
C LYS B 126 22.56 25.65 0.58
N ALA B 127 23.65 25.57 1.36
CA ALA B 127 23.77 24.56 2.40
C ALA B 127 22.99 25.01 3.63
N LYS B 128 21.66 24.97 3.49
CA LYS B 128 20.72 25.35 4.55
C LYS B 128 19.49 24.47 4.39
N VAL B 129 18.84 24.15 5.51
CA VAL B 129 17.58 23.40 5.49
C VAL B 129 16.52 24.25 6.17
N ASP B 130 15.26 23.98 5.84
CA ASP B 130 14.17 24.78 6.38
C ASP B 130 14.05 24.58 7.89
N ARG B 131 13.91 25.69 8.62
CA ARG B 131 13.83 25.71 10.08
C ARG B 131 12.48 26.28 10.48
N PHE B 132 11.80 25.61 11.44
CA PHE B 132 10.45 25.98 11.83
C PHE B 132 10.38 26.34 13.31
N ASP B 133 9.42 27.21 13.65
CA ASP B 133 9.08 27.52 15.03
C ASP B 133 8.94 26.24 15.84
N CYS B 134 9.54 26.22 17.02
CA CYS B 134 9.50 25.01 17.85
C CYS B 134 9.63 25.45 19.29
N GLU B 135 8.65 25.13 20.13
CA GLU B 135 8.68 25.54 21.53
C GLU B 135 8.12 24.45 22.44
N GLU B 136 8.73 24.29 23.62
CA GLU B 136 8.15 23.46 24.66
C GLU B 136 7.12 24.24 25.47
N ARG B 137 6.00 23.58 25.78
CA ARG B 137 5.04 24.12 26.72
C ARG B 137 4.17 22.99 27.26
N TYR B 138 3.96 22.99 28.57
CA TYR B 138 3.16 21.97 29.26
C TYR B 138 3.75 20.57 29.17
N GLY B 139 5.03 20.46 28.81
CA GLY B 139 5.65 19.15 28.64
C GLY B 139 5.46 18.54 27.26
N LEU B 140 4.89 19.27 26.31
CA LEU B 140 4.82 18.88 24.90
C LEU B 140 5.71 19.80 24.09
N ILE B 141 6.18 19.30 22.95
CA ILE B 141 6.92 20.09 21.96
C ILE B 141 5.92 20.50 20.87
N TRP B 142 5.85 21.80 20.59
CA TRP B 142 4.92 22.39 19.64
C TRP B 142 5.68 22.95 18.45
N ILE B 143 5.13 22.77 17.24
CA ILE B 143 5.71 23.28 15.99
C ILE B 143 4.65 24.10 15.27
N ARG B 144 5.05 25.26 14.75
CA ARG B 144 4.23 26.04 13.84
C ARG B 144 4.97 26.14 12.50
N LEU B 145 4.37 25.58 11.45
CA LEU B 145 5.05 25.48 10.16
C LEU B 145 5.10 26.83 9.43
N ASP B 146 4.10 27.67 9.61
CA ASP B 146 4.01 28.94 8.91
C ASP B 146 3.73 30.03 9.95
N SER B 147 4.70 30.92 10.16
CA SER B 147 4.53 32.01 11.11
C SER B 147 4.20 33.34 10.45
N SER B 148 3.82 33.33 9.17
CA SER B 148 3.67 34.56 8.40
C SER B 148 2.53 35.46 8.86
N PHE B 149 1.46 34.88 9.43
CA PHE B 149 0.34 35.72 9.86
C PHE B 149 0.54 36.26 11.27
N ASP B 150 1.50 35.73 12.01
CA ASP B 150 1.92 36.22 13.32
C ASP B 150 0.74 36.54 14.24
N CYS B 151 -0.22 35.62 14.32
CA CYS B 151 -1.36 35.83 15.21
C CYS B 151 -1.81 34.59 15.96
N THR B 152 -1.12 33.47 15.84
CA THR B 152 -1.54 32.26 16.54
C THR B 152 -0.62 32.00 17.73
N GLU B 153 -1.18 31.36 18.76
CA GLU B 153 -0.46 31.06 19.98
C GLU B 153 -0.63 29.59 20.32
N ILE B 154 0.27 29.10 21.16
CA ILE B 154 0.12 27.72 21.66
C ILE B 154 -1.16 27.64 22.48
N PRO B 155 -1.98 26.60 22.31
CA PRO B 155 -3.24 26.48 23.02
C PRO B 155 -3.14 26.64 24.54
N TYR B 156 -4.25 27.05 25.12
CA TYR B 156 -4.35 27.36 26.54
C TYR B 156 -4.69 26.10 27.35
N PHE B 157 -3.88 25.83 28.37
CA PHE B 157 -4.08 24.78 29.37
C PHE B 157 -4.24 25.48 30.73
N SER B 158 -5.43 25.40 31.32
CA SER B 158 -5.75 26.22 32.49
C SER B 158 -5.04 25.77 33.74
N ALA B 159 -4.64 24.50 33.83
CA ALA B 159 -4.06 24.01 35.06
C ALA B 159 -2.58 24.31 35.17
N ALA B 160 -1.94 24.71 34.08
CA ALA B 160 -0.53 25.07 34.17
C ALA B 160 -0.39 26.23 35.14
N ASN B 161 0.67 26.20 35.94
CA ASN B 161 0.99 27.22 36.94
C ASN B 161 0.15 27.13 38.21
N ASP B 162 -0.75 26.15 38.35
CA ASP B 162 -1.65 26.12 39.49
C ASP B 162 -1.14 25.14 40.54
N PRO B 163 -0.50 25.62 41.61
CA PRO B 163 0.08 24.69 42.60
C PRO B 163 -0.95 23.83 43.30
N ARG B 164 -2.24 24.16 43.23
CA ARG B 164 -3.26 23.32 43.84
C ARG B 164 -3.43 21.97 43.13
N LEU B 165 -2.92 21.83 41.90
CA LEU B 165 -3.28 20.70 41.04
C LEU B 165 -2.07 19.82 40.76
N ARG B 166 -2.28 18.51 40.81
CA ARG B 166 -1.31 17.53 40.32
C ARG B 166 -1.57 17.28 38.83
N ILE B 167 -0.52 17.32 38.03
CA ILE B 167 -0.62 17.22 36.58
C ILE B 167 0.01 15.90 36.13
N VAL B 168 -0.68 15.20 35.23
CA VAL B 168 -0.20 13.94 34.65
C VAL B 168 -0.28 14.05 33.14
N ILE B 169 0.83 13.79 32.46
CA ILE B 169 0.87 13.76 31.00
C ILE B 169 0.80 12.31 30.55
N GLN B 170 -0.27 11.94 29.85
CA GLN B 170 -0.37 10.55 29.41
C GLN B 170 0.54 10.30 28.19
N GLU B 171 0.83 9.03 27.95
CA GLU B 171 1.47 8.67 26.69
C GLU B 171 0.55 9.04 25.53
N PRO B 172 1.10 9.48 24.40
CA PRO B 172 0.25 9.79 23.24
C PRO B 172 -0.47 8.55 22.73
N TYR B 173 -1.65 8.77 22.13
CA TYR B 173 -2.43 7.69 21.54
C TYR B 173 -2.75 8.05 20.09
N TRP B 174 -2.53 7.08 19.20
CA TRP B 174 -2.71 7.27 17.77
C TRP B 174 -4.05 6.71 17.31
N TRP B 175 -4.77 7.48 16.50
CA TRP B 175 -6.01 7.02 15.88
C TRP B 175 -5.93 7.16 14.38
N ASP B 176 -6.58 6.23 13.67
CA ASP B 176 -6.82 6.36 12.23
C ASP B 176 -8.03 7.26 11.98
N ALA B 177 -7.91 8.52 12.40
CA ALA B 177 -8.99 9.49 12.25
C ALA B 177 -8.38 10.88 12.24
N THR B 178 -9.06 11.83 11.60
CA THR B 178 -8.55 13.19 11.50
C THR B 178 -8.73 13.98 12.79
N ALA B 179 -8.00 15.09 12.90
CA ALA B 179 -8.08 15.90 14.11
C ALA B 179 -9.45 16.54 14.27
N GLU B 180 -10.12 16.90 13.16
CA GLU B 180 -11.47 17.46 13.26
C GLU B 180 -12.44 16.44 13.82
N ARG B 181 -12.42 15.20 13.30
CA ARG B 181 -13.31 14.17 13.82
C ARG B 181 -13.03 13.87 15.28
N ARG B 182 -11.76 13.86 15.67
CA ARG B 182 -11.44 13.61 17.07
C ARG B 182 -11.97 14.74 17.97
N TRP B 183 -11.82 16.00 17.51
CA TRP B 183 -12.31 17.14 18.28
C TRP B 183 -13.82 17.06 18.47
N GLU B 184 -14.56 16.77 17.39
CA GLU B 184 -16.01 16.70 17.49
C GLU B 184 -16.46 15.55 18.38
N ASN B 185 -15.70 14.45 18.40
CA ASN B 185 -16.04 13.37 19.32
C ASN B 185 -15.88 13.81 20.78
N PHE B 186 -14.78 14.49 21.09
CA PHE B 186 -14.49 14.87 22.48
C PHE B 186 -15.51 15.88 23.02
N THR B 187 -16.07 16.75 22.18
CA THR B 187 -17.00 17.77 22.64
C THR B 187 -18.47 17.41 22.43
N ASP B 188 -18.78 16.16 22.09
CA ASP B 188 -20.16 15.73 21.90
C ASP B 188 -20.65 14.96 23.11
N PHE B 189 -21.85 15.30 23.61
CA PHE B 189 -22.46 14.53 24.69
C PHE B 189 -23.46 13.50 24.19
N SER B 190 -23.97 13.69 22.95
CA SER B 190 -25.00 12.82 22.39
C SER B 190 -24.60 11.35 22.37
N HIS B 191 -23.31 11.04 22.30
CA HIS B 191 -22.88 9.68 22.05
C HIS B 191 -22.75 8.82 23.32
N PHE B 192 -22.96 9.38 24.50
CA PHE B 192 -22.65 8.66 25.74
C PHE B 192 -23.45 7.37 25.90
N ALA B 193 -24.76 7.42 25.62
CA ALA B 193 -25.61 6.26 25.86
C ALA B 193 -25.25 5.09 24.96
N PHE B 194 -24.58 5.36 23.85
CA PHE B 194 -24.32 4.35 22.86
C PHE B 194 -22.89 3.88 22.86
N ILE B 195 -21.95 4.77 23.13
CA ILE B 195 -20.52 4.43 23.21
C ILE B 195 -20.08 4.16 24.63
N HIS B 196 -20.57 4.96 25.59
CA HIS B 196 -20.08 4.90 26.98
C HIS B 196 -21.20 4.60 27.97
N PRO B 197 -22.05 3.59 27.72
CA PRO B 197 -23.22 3.43 28.61
C PRO B 197 -22.85 3.03 30.02
N GLY B 198 -21.83 2.19 30.19
CA GLY B 198 -21.42 1.84 31.53
C GLY B 198 -20.52 2.85 32.19
N THR B 199 -19.90 3.73 31.40
CA THR B 199 -18.72 4.49 31.77
C THR B 199 -19.01 5.96 32.03
N LEU B 200 -19.74 6.62 31.13
CA LEU B 200 -20.06 8.05 31.26
C LEU B 200 -21.55 8.39 31.16
N PHE B 201 -22.41 7.48 30.69
CA PHE B 201 -23.82 7.78 30.45
C PHE B 201 -24.55 7.96 31.77
N ASP B 202 -25.04 9.17 32.01
CA ASP B 202 -25.86 9.47 33.18
C ASP B 202 -27.33 9.23 32.82
N PRO B 203 -27.96 8.17 33.30
CA PRO B 203 -29.35 7.90 32.88
C PRO B 203 -30.35 8.94 33.36
N ASN B 204 -30.05 9.63 34.48
CA ASN B 204 -30.89 10.70 34.99
C ASN B 204 -30.58 12.04 34.34
N ASN B 205 -29.54 12.12 33.52
CA ASN B 205 -29.08 13.37 32.90
C ASN B 205 -28.65 13.05 31.47
N ALA B 206 -29.61 12.58 30.66
CA ALA B 206 -29.32 11.91 29.41
C ALA B 206 -29.29 12.83 28.18
N GLU B 207 -29.58 14.12 28.34
CA GLU B 207 -29.51 15.05 27.20
C GLU B 207 -29.25 16.48 27.69
N PRO B 208 -27.98 16.85 27.85
CA PRO B 208 -27.60 18.27 28.07
C PRO B 208 -28.16 19.19 27.00
N PRO B 209 -28.72 20.33 27.38
CA PRO B 209 -29.33 21.23 26.38
C PRO B 209 -28.28 21.85 25.48
N ILE B 210 -28.78 22.45 24.39
CA ILE B 210 -27.99 23.39 23.61
C ILE B 210 -27.57 24.54 24.51
N VAL B 211 -26.28 24.88 24.48
CA VAL B 211 -25.78 25.96 25.33
C VAL B 211 -25.25 27.08 24.45
N PRO B 212 -25.21 28.31 24.95
CA PRO B 212 -24.56 29.40 24.22
C PRO B 212 -23.06 29.14 24.08
N MET B 213 -22.51 29.54 22.94
CA MET B 213 -21.09 29.39 22.64
C MET B 213 -20.50 30.74 22.27
N ASP B 214 -19.41 31.11 22.95
CA ASP B 214 -18.69 32.36 22.68
C ASP B 214 -17.39 32.11 21.93
N ARG B 215 -17.07 32.97 20.98
CA ARG B 215 -15.72 33.07 20.43
C ARG B 215 -15.01 34.21 21.14
N PHE B 216 -13.84 33.92 21.70
CA PHE B 216 -13.05 34.95 22.39
C PHE B 216 -11.58 34.56 22.33
N ASN B 217 -10.73 35.43 21.79
CA ASN B 217 -9.28 35.22 21.75
C ASN B 217 -8.90 33.93 21.03
N GLY B 218 -9.63 33.61 19.97
CA GLY B 218 -9.32 32.40 19.21
C GLY B 218 -9.75 31.11 19.90
N GLN B 219 -10.60 31.19 20.91
CA GLN B 219 -11.12 30.05 21.65
C GLN B 219 -12.64 30.01 21.55
N PHE B 220 -13.20 28.80 21.45
CA PHE B 220 -14.59 28.59 21.77
C PHE B 220 -14.73 28.44 23.27
N ARG B 221 -15.69 29.13 23.87
CA ARG B 221 -15.93 29.00 25.29
C ARG B 221 -17.40 28.69 25.50
N PHE B 222 -17.67 27.61 26.23
CA PHE B 222 -19.06 27.27 26.53
C PHE B 222 -19.08 26.45 27.81
N VAL B 223 -20.23 26.46 28.47
CA VAL B 223 -20.33 25.90 29.82
C VAL B 223 -21.60 25.07 29.93
N TYR B 224 -21.48 23.90 30.55
CA TYR B 224 -22.62 23.06 30.92
C TYR B 224 -22.71 22.96 32.44
N ASP B 225 -23.94 22.91 32.97
CA ASP B 225 -24.13 22.63 34.39
C ASP B 225 -24.74 21.25 34.57
N SER B 240 -20.20 19.95 36.57
CA SER B 240 -20.19 21.27 35.93
C SER B 240 -18.98 21.47 35.00
N PHE B 241 -19.24 21.65 33.70
CA PHE B 241 -18.26 21.47 32.61
C PHE B 241 -17.97 22.81 31.92
N SER B 242 -16.75 23.31 32.05
CA SER B 242 -16.36 24.59 31.44
C SER B 242 -15.29 24.36 30.36
N TYR B 243 -15.67 24.58 29.10
CA TYR B 243 -14.79 24.33 27.95
C TYR B 243 -14.13 25.61 27.50
N THR B 244 -12.81 25.54 27.27
CA THR B 244 -12.05 26.56 26.57
C THR B 244 -11.29 25.84 25.47
N CYS B 245 -11.73 26.03 24.23
CA CYS B 245 -11.21 25.28 23.09
C CYS B 245 -10.38 26.21 22.21
N SER B 246 -9.05 26.13 22.32
CA SER B 246 -8.17 26.89 21.43
C SER B 246 -8.24 26.32 20.01
N MET B 247 -8.73 27.11 19.07
CA MET B 247 -8.88 26.64 17.70
C MET B 247 -7.50 26.36 17.10
N PRO B 248 -7.38 25.29 16.28
CA PRO B 248 -8.49 24.43 15.85
C PRO B 248 -8.67 23.08 16.59
N PHE B 249 -7.68 22.58 17.36
CA PHE B 249 -7.72 21.17 17.75
C PHE B 249 -7.55 20.91 19.24
N ALA B 250 -7.52 21.93 20.09
CA ALA B 250 -7.22 21.73 21.51
C ALA B 250 -8.46 21.99 22.35
N ILE B 251 -8.67 21.17 23.38
CA ILE B 251 -9.81 21.28 24.26
C ILE B 251 -9.30 21.32 25.70
N ASN B 252 -9.66 22.37 26.43
CA ASN B 252 -9.41 22.47 27.86
C ASN B 252 -10.75 22.38 28.57
N LEU B 253 -10.94 21.32 29.36
CA LEU B 253 -12.20 21.06 30.04
C LEU B 253 -11.96 21.12 31.54
N GLU B 254 -12.58 22.10 32.19
CA GLU B 254 -12.53 22.23 33.65
C GLU B 254 -13.83 21.67 34.22
N VAL B 255 -13.72 20.65 35.06
CA VAL B 255 -14.86 20.03 35.72
C VAL B 255 -14.84 20.38 37.19
N SER B 256 -15.91 21.02 37.66
CA SER B 256 -16.20 21.10 39.09
C SER B 256 -17.11 19.91 39.39
N LYS B 257 -16.51 18.85 39.94
CA LYS B 257 -17.15 17.54 39.98
C LYS B 257 -18.33 17.51 40.95
N TYR B 258 -19.33 16.70 40.59
CA TYR B 258 -20.50 16.44 41.42
C TYR B 258 -20.24 15.42 42.52
N SER B 259 -19.07 14.77 42.53
CA SER B 259 -18.79 13.69 43.46
C SER B 259 -17.65 14.00 44.44
N SER B 260 -17.23 15.26 44.57
CA SER B 260 -16.11 15.56 45.47
C SER B 260 -15.97 17.03 45.85
N SER B 261 -16.58 17.95 45.09
CA SER B 261 -16.31 19.40 45.23
C SER B 261 -14.82 19.70 45.02
N SER B 262 -14.29 19.20 43.90
CA SER B 262 -12.87 19.29 43.58
C SER B 262 -12.67 19.48 42.08
N LEU B 263 -11.62 20.22 41.73
CA LEU B 263 -11.36 20.58 40.34
C LEU B 263 -10.63 19.46 39.60
N HIS B 264 -11.09 19.15 38.39
CA HIS B 264 -10.45 18.18 37.51
C HIS B 264 -10.35 18.82 36.13
N VAL B 265 -9.17 18.84 35.53
CA VAL B 265 -8.99 19.47 34.22
C VAL B 265 -8.52 18.42 33.21
N LEU B 266 -9.16 18.40 32.05
CA LEU B 266 -8.75 17.58 30.92
C LEU B 266 -8.27 18.48 29.80
N PHE B 267 -7.05 18.26 29.31
CA PHE B 267 -6.50 19.00 28.19
C PHE B 267 -6.19 18.00 27.08
N ASN B 268 -6.99 18.03 26.00
CA ASN B 268 -6.81 17.09 24.90
C ASN B 268 -6.46 17.86 23.63
N VAL B 269 -5.45 17.41 22.91
CA VAL B 269 -5.06 18.08 21.67
C VAL B 269 -4.59 17.02 20.67
N SER B 270 -4.98 17.21 19.41
CA SER B 270 -4.71 16.24 18.34
C SER B 270 -3.68 16.83 17.40
N CYS B 271 -2.60 16.09 17.17
CA CYS B 271 -1.65 16.45 16.13
C CYS B 271 -2.14 15.91 14.79
N PRO B 272 -2.35 16.77 13.78
CA PRO B 272 -2.76 16.26 12.47
C PRO B 272 -1.55 15.73 11.71
N VAL B 273 -1.29 14.42 11.86
CA VAL B 273 -0.05 13.86 11.33
C VAL B 273 -0.09 13.82 9.81
N ASP B 274 -1.18 13.32 9.24
CA ASP B 274 -1.36 13.34 7.80
C ASP B 274 -2.86 13.38 7.53
N SER B 275 -3.28 13.04 6.31
CA SER B 275 -4.69 13.23 5.98
C SER B 275 -5.63 12.24 6.65
N HIS B 276 -5.12 11.16 7.26
CA HIS B 276 -6.01 10.17 7.86
C HIS B 276 -5.58 9.74 9.27
N THR B 277 -4.62 10.43 9.88
CA THR B 277 -4.02 9.94 11.12
C THR B 277 -3.89 11.09 12.11
N THR B 278 -4.13 10.79 13.40
CA THR B 278 -3.83 11.74 14.47
C THR B 278 -2.94 11.09 15.53
N LYS B 279 -2.07 11.90 16.10
CA LYS B 279 -1.32 11.55 17.29
C LYS B 279 -1.88 12.44 18.39
N ASN B 280 -2.51 11.83 19.39
CA ASN B 280 -3.34 12.58 20.32
C ASN B 280 -2.69 12.63 21.70
N PHE B 281 -2.89 13.76 22.39
CA PHE B 281 -2.22 14.00 23.67
C PHE B 281 -3.29 14.33 24.69
N LEU B 282 -3.20 13.72 25.87
CA LEU B 282 -4.08 14.05 26.98
C LEU B 282 -3.22 14.39 28.19
N ILE B 283 -3.42 15.57 28.75
CA ILE B 283 -2.87 15.97 30.02
C ILE B 283 -4.06 16.16 30.96
N PHE B 284 -3.99 15.59 32.16
CA PHE B 284 -5.06 15.87 33.10
C PHE B 284 -4.50 16.34 34.43
N ALA B 285 -5.29 17.16 35.12
CA ALA B 285 -4.92 17.77 36.38
C ALA B 285 -6.05 17.57 37.37
N ARG B 286 -5.71 17.42 38.65
CA ARG B 286 -6.72 17.19 39.65
C ARG B 286 -6.31 17.81 40.99
N GLU B 287 -7.32 18.32 41.70
CA GLU B 287 -7.10 18.96 42.99
C GLU B 287 -6.93 17.93 44.10
N GLN B 288 -7.84 16.95 44.17
CA GLN B 288 -7.69 15.83 45.10
C GLN B 288 -6.77 14.82 44.46
N SER B 289 -5.51 14.78 44.94
CA SER B 289 -4.41 14.06 44.31
C SER B 289 -3.77 13.02 45.22
N ASP B 290 -4.45 12.63 46.31
CA ASP B 290 -3.95 11.58 47.18
C ASP B 290 -4.19 10.18 46.64
N ASP B 291 -4.99 10.03 45.59
CA ASP B 291 -5.27 8.74 44.98
C ASP B 291 -4.21 8.42 43.92
N SER B 292 -4.41 7.30 43.23
CA SER B 292 -3.42 6.85 42.25
C SER B 292 -3.63 7.55 40.90
N ASP B 293 -2.52 7.98 40.28
CA ASP B 293 -2.61 8.47 38.90
C ASP B 293 -3.26 7.44 37.99
N TYR B 294 -3.05 6.15 38.26
CA TYR B 294 -3.46 5.10 37.34
C TYR B 294 -4.94 4.79 37.42
N LEU B 295 -5.59 5.14 38.53
CA LEU B 295 -7.05 5.11 38.57
C LEU B 295 -7.62 5.96 37.43
N HIS B 296 -7.08 7.16 37.28
CA HIS B 296 -7.53 8.10 36.25
C HIS B 296 -7.02 7.70 34.87
N ILE B 297 -5.75 7.30 34.73
CA ILE B 297 -5.24 6.90 33.42
C ILE B 297 -6.04 5.73 32.86
N ALA B 298 -6.32 4.71 33.70
CA ALA B 298 -7.06 3.55 33.21
C ALA B 298 -8.46 3.94 32.77
N PHE B 299 -9.09 4.87 33.50
CA PHE B 299 -10.42 5.31 33.12
C PHE B 299 -10.38 6.08 31.80
N ASN B 300 -9.45 7.03 31.67
CA ASN B 300 -9.32 7.73 30.39
C ASN B 300 -9.09 6.77 29.25
N ASP B 301 -8.20 5.77 29.45
CA ASP B 301 -7.92 4.81 28.40
C ASP B 301 -9.14 3.98 28.03
N LEU B 302 -9.95 3.63 29.02
CA LEU B 302 -11.18 2.88 28.76
C LEU B 302 -12.15 3.69 27.91
N VAL B 303 -12.33 4.97 28.23
CA VAL B 303 -13.17 5.85 27.43
C VAL B 303 -12.64 5.94 26.00
N PHE B 304 -11.34 6.16 25.85
CA PHE B 304 -10.76 6.29 24.51
C PHE B 304 -10.92 5.00 23.71
N ALA B 305 -10.74 3.84 24.35
CA ALA B 305 -10.93 2.57 23.66
C ALA B 305 -12.36 2.37 23.20
N GLU B 306 -13.35 2.87 23.95
CA GLU B 306 -14.74 2.77 23.51
C GLU B 306 -15.02 3.68 22.30
N ASP B 307 -14.51 4.91 22.33
CA ASP B 307 -14.67 5.82 21.18
C ASP B 307 -13.93 5.32 19.94
N LYS B 308 -12.70 4.82 20.10
CA LYS B 308 -11.76 4.66 18.99
C LYS B 308 -12.32 3.92 17.77
N PRO B 309 -12.90 2.72 17.88
CA PRO B 309 -13.31 2.04 16.64
C PRO B 309 -14.44 2.74 15.91
N VAL B 310 -15.33 3.43 16.62
CA VAL B 310 -16.42 4.15 15.97
C VAL B 310 -15.87 5.36 15.21
N ILE B 311 -14.99 6.14 15.84
CA ILE B 311 -14.44 7.32 15.17
C ILE B 311 -13.58 6.90 13.98
N GLU B 312 -12.75 5.86 14.15
CA GLU B 312 -11.96 5.37 13.03
C GLU B 312 -12.81 4.82 11.88
N SER B 313 -14.04 4.39 12.14
CA SER B 313 -14.90 3.90 11.05
C SER B 313 -15.49 5.02 10.21
N GLN B 314 -15.52 6.25 10.71
CA GLN B 314 -16.17 7.34 9.98
C GLN B 314 -15.48 7.52 8.63
N TRP B 315 -16.29 7.59 7.57
CA TRP B 315 -15.73 7.73 6.24
C TRP B 315 -16.67 8.50 5.30
N PRO B 316 -16.10 9.30 4.38
CA PRO B 316 -14.65 9.54 4.23
C PRO B 316 -14.05 10.27 5.42
N LYS B 317 -12.71 10.29 5.49
CA LYS B 317 -12.04 10.77 6.68
C LYS B 317 -12.41 12.21 7.02
N ASP B 318 -12.47 13.07 6.00
CA ASP B 318 -12.96 14.45 6.17
C ASP B 318 -14.47 14.51 5.94
N ALA B 319 -15.17 15.22 6.83
CA ALA B 319 -16.63 15.29 6.77
C ALA B 319 -17.09 15.92 5.45
N PRO B 320 -17.87 15.21 4.63
CA PRO B 320 -18.39 15.82 3.41
C PRO B 320 -19.56 16.75 3.74
N ALA B 321 -19.89 17.58 2.73
CA ALA B 321 -21.02 18.48 2.85
C ALA B 321 -22.35 17.75 3.01
N ASP B 322 -22.41 16.44 2.73
CA ASP B 322 -23.69 15.75 2.75
C ASP B 322 -24.09 15.24 4.13
N GLU B 323 -23.29 15.46 5.18
CA GLU B 323 -23.65 14.99 6.52
C GLU B 323 -24.84 15.78 7.06
N VAL B 324 -25.72 15.07 7.77
CA VAL B 324 -27.02 15.58 8.17
C VAL B 324 -26.96 15.93 9.66
N SER B 325 -27.12 17.20 10.00
CA SER B 325 -27.06 17.60 11.40
C SER B 325 -28.46 17.74 12.01
N VAL B 326 -28.50 17.65 13.34
CA VAL B 326 -29.71 17.92 14.10
C VAL B 326 -29.38 19.00 15.12
N VAL B 327 -30.42 19.48 15.81
CA VAL B 327 -30.25 20.64 16.68
C VAL B 327 -29.25 20.33 17.78
N ALA B 328 -29.23 19.08 18.27
CA ALA B 328 -28.28 18.71 19.32
C ALA B 328 -26.82 18.83 18.88
N ASP B 329 -26.54 19.01 17.59
CA ASP B 329 -25.18 19.09 17.08
C ASP B 329 -24.61 20.51 17.13
N LYS B 330 -25.16 21.38 17.96
CA LYS B 330 -24.75 22.79 17.93
C LYS B 330 -23.24 22.96 17.97
N VAL B 331 -22.56 22.30 18.92
CA VAL B 331 -21.12 22.49 19.06
C VAL B 331 -20.39 22.18 17.74
N SER B 332 -20.67 21.02 17.13
CA SER B 332 -19.95 20.68 15.91
C SER B 332 -20.41 21.53 14.71
N ILE B 333 -21.68 21.94 14.67
CA ILE B 333 -22.11 22.86 13.61
C ILE B 333 -21.32 24.17 13.69
N GLN B 334 -21.20 24.72 14.90
CA GLN B 334 -20.50 26.00 15.08
C GLN B 334 -19.00 25.84 14.85
N TYR B 335 -18.45 24.71 15.27
CA TYR B 335 -17.05 24.37 15.00
C TYR B 335 -16.78 24.34 13.50
N ARG B 336 -17.63 23.64 12.74
CA ARG B 336 -17.41 23.52 11.30
C ARG B 336 -17.53 24.89 10.63
N LYS B 337 -18.47 25.70 11.09
CA LYS B 337 -18.65 27.05 10.55
C LYS B 337 -17.38 27.88 10.74
N TRP B 338 -16.81 27.85 11.96
CA TRP B 338 -15.63 28.66 12.23
C TRP B 338 -14.44 28.18 11.40
N LEU B 339 -14.21 26.84 11.35
CA LEU B 339 -13.14 26.32 10.50
C LEU B 339 -13.27 26.80 9.06
N ARG B 340 -14.48 26.76 8.51
CA ARG B 340 -14.65 27.20 7.12
C ARG B 340 -14.35 28.70 7.00
N GLU B 341 -14.78 29.48 7.99
CA GLU B 341 -14.41 30.88 8.08
C GLU B 341 -12.90 31.07 8.10
N LEU B 342 -12.19 30.23 8.84
CA LEU B 342 -10.74 30.39 8.89
C LEU B 342 -10.11 30.01 7.56
N LYS B 343 -10.65 28.97 6.91
CA LYS B 343 -10.18 28.58 5.58
C LYS B 343 -10.40 29.71 4.57
N GLU B 344 -11.61 30.29 4.54
CA GLU B 344 -11.85 31.42 3.62
C GLU B 344 -10.89 32.57 3.90
N ALA B 345 -10.72 32.93 5.18
CA ALA B 345 -9.92 34.08 5.56
C ALA B 345 -8.45 33.89 5.21
N HIS B 346 -7.95 32.67 5.34
CA HIS B 346 -6.58 32.38 4.92
C HIS B 346 -6.34 32.75 3.46
N LYS B 347 -7.31 32.47 2.58
CA LYS B 347 -7.15 32.86 1.18
C LYS B 347 -7.05 34.36 1.04
N GLU B 348 -7.77 35.10 1.87
CA GLU B 348 -7.80 36.55 1.81
C GLU B 348 -6.55 37.20 2.39
N GLY B 349 -5.74 36.46 3.17
CA GLY B 349 -4.47 36.96 3.66
C GLY B 349 -4.50 37.30 5.15
N SER B 350 -3.40 37.92 5.58
CA SER B 350 -3.06 37.96 7.01
C SER B 350 -4.09 38.69 7.87
N GLN B 351 -4.64 39.83 7.43
CA GLN B 351 -5.48 40.54 8.39
C GLN B 351 -6.91 39.98 8.42
N ALA B 352 -7.39 39.44 7.29
CA ALA B 352 -8.66 38.72 7.31
C ALA B 352 -8.59 37.52 8.25
N PHE B 353 -7.48 36.79 8.21
CA PHE B 353 -7.32 35.63 9.08
C PHE B 353 -7.27 36.04 10.54
N ARG B 354 -6.48 37.07 10.85
CA ARG B 354 -6.42 37.59 12.21
C ARG B 354 -7.81 37.96 12.72
N SER B 355 -8.61 38.63 11.86
CA SER B 355 -9.95 39.02 12.28
C SER B 355 -10.85 37.81 12.49
N ALA B 356 -10.82 36.85 11.56
CA ALA B 356 -11.64 35.65 11.70
C ALA B 356 -11.28 34.88 12.95
N LEU B 357 -9.98 34.83 13.29
CA LEU B 357 -9.53 34.06 14.45
C LEU B 357 -9.83 34.77 15.75
N LEU B 358 -9.50 36.07 15.85
CA LEU B 358 -9.46 36.74 17.14
C LEU B 358 -10.62 37.67 17.44
N ASP B 359 -11.46 38.02 16.46
CA ASP B 359 -12.62 38.85 16.77
C ASP B 359 -13.56 38.12 17.74
N PRO B 360 -14.13 38.83 18.70
CA PRO B 360 -15.08 38.19 19.63
C PRO B 360 -16.47 38.06 19.01
N VAL B 361 -17.15 36.98 19.39
CA VAL B 361 -18.53 36.72 18.99
C VAL B 361 -19.22 36.11 20.21
N ILE B 362 -19.98 36.92 20.95
CA ILE B 362 -20.48 36.57 22.28
C ILE B 362 -21.96 36.21 22.19
N GLU B 363 -22.31 35.02 22.68
CA GLU B 363 -23.71 34.60 22.80
C GLU B 363 -24.22 34.57 24.24
N SER B 364 -23.33 34.43 25.22
CA SER B 364 -23.75 34.24 26.60
C SER B 364 -23.91 35.57 27.31
N ASP B 365 -24.25 35.51 28.60
CA ASP B 365 -24.31 36.68 29.47
C ASP B 365 -22.99 36.97 30.17
N ARG B 366 -21.92 36.26 29.82
CA ARG B 366 -20.66 36.37 30.54
C ARG B 366 -19.86 37.57 30.01
N SER B 367 -18.97 38.05 30.88
CA SER B 367 -18.12 39.19 30.57
C SER B 367 -16.68 38.71 30.44
N TYR B 368 -16.01 39.13 29.36
CA TYR B 368 -14.59 38.86 29.19
C TYR B 368 -13.84 40.19 28.98
N ASN C 25 9.79 6.69 -15.67
CA ASN C 25 9.67 5.67 -16.71
C ASN C 25 10.40 6.04 -18.03
N ASP C 26 9.87 7.03 -18.75
CA ASP C 26 10.55 7.50 -19.95
C ASP C 26 11.95 8.02 -19.63
N GLU C 27 12.15 8.47 -18.38
CA GLU C 27 13.42 8.96 -17.86
C GLU C 27 14.41 7.84 -17.56
N ARG C 28 14.00 6.58 -17.66
CA ARG C 28 14.87 5.45 -17.40
C ARG C 28 15.03 4.56 -18.63
N GLU C 29 14.46 4.97 -19.77
CA GLU C 29 14.48 4.10 -20.94
C GLU C 29 15.89 3.85 -21.45
N TYR C 30 16.79 4.81 -21.33
CA TYR C 30 18.17 4.56 -21.79
C TYR C 30 18.83 3.41 -21.04
N LEU C 31 18.36 3.08 -19.84
CA LEU C 31 19.00 2.01 -19.08
C LEU C 31 18.71 0.63 -19.67
N ARG C 32 17.65 0.51 -20.46
CA ARG C 32 17.34 -0.77 -21.09
C ARG C 32 18.44 -1.24 -22.04
N HIS C 33 19.33 -0.34 -22.47
CA HIS C 33 20.36 -0.71 -23.42
C HIS C 33 21.59 -1.36 -22.79
N PHE C 34 21.72 -1.31 -21.46
CA PHE C 34 22.86 -1.93 -20.78
C PHE C 34 22.53 -3.33 -20.30
N TRP C 35 23.58 -4.09 -20.03
CA TRP C 35 23.47 -5.37 -19.35
C TRP C 35 23.36 -5.15 -17.85
N HIS C 36 22.36 -5.78 -17.23
CA HIS C 36 22.19 -5.67 -15.78
C HIS C 36 22.15 -7.07 -15.18
N PRO C 37 22.78 -7.28 -14.02
CA PRO C 37 22.68 -8.59 -13.39
C PRO C 37 21.32 -8.74 -12.72
N VAL C 38 20.73 -9.93 -12.80
CA VAL C 38 19.41 -10.12 -12.20
C VAL C 38 19.40 -11.20 -11.12
N CYS C 39 20.36 -12.12 -11.10
CA CYS C 39 20.43 -13.15 -10.09
C CYS C 39 21.81 -13.79 -10.17
N THR C 40 22.16 -14.54 -9.14
CA THR C 40 23.33 -15.39 -9.27
C THR C 40 22.93 -16.71 -9.94
N VAL C 41 23.93 -17.40 -10.52
CA VAL C 41 23.66 -18.74 -11.03
C VAL C 41 23.13 -19.63 -9.93
N THR C 42 23.71 -19.52 -8.72
CA THR C 42 23.23 -20.28 -7.56
C THR C 42 21.75 -20.05 -7.29
N GLU C 43 21.31 -18.78 -7.31
CA GLU C 43 19.88 -18.52 -7.10
C GLU C 43 19.02 -19.22 -8.13
N LEU C 44 19.44 -19.17 -9.40
CA LEU C 44 18.65 -19.83 -10.43
C LEU C 44 18.56 -21.32 -10.16
N GLU C 45 19.68 -21.94 -9.76
CA GLU C 45 19.70 -23.38 -9.56
C GLU C 45 18.92 -23.79 -8.32
N LYS C 46 18.88 -22.92 -7.31
CA LYS C 46 18.15 -23.21 -6.08
C LYS C 46 16.65 -22.98 -6.20
N ALA C 47 16.20 -22.28 -7.23
CA ALA C 47 14.79 -21.84 -7.30
C ALA C 47 13.82 -23.02 -7.27
N HIS C 48 14.11 -24.07 -8.02
CA HIS C 48 13.22 -25.21 -8.09
C HIS C 48 14.05 -26.49 -8.11
N PRO C 49 13.44 -27.63 -7.73
CA PRO C 49 14.21 -28.88 -7.65
C PRO C 49 14.83 -29.34 -8.96
N SER C 50 14.32 -28.89 -10.11
CA SER C 50 14.93 -29.26 -11.39
C SER C 50 16.37 -28.76 -11.53
N SER C 51 16.72 -27.73 -10.76
CA SER C 51 17.97 -26.97 -10.82
C SER C 51 18.05 -26.11 -12.08
N LEU C 52 16.99 -26.03 -12.88
CA LEU C 52 17.00 -25.29 -14.13
C LEU C 52 16.09 -24.06 -14.11
N GLY C 53 15.62 -23.63 -12.93
CA GLY C 53 14.59 -22.61 -12.88
C GLY C 53 13.19 -23.21 -13.03
N PRO C 54 12.19 -22.39 -13.39
CA PRO C 54 12.30 -20.98 -13.74
C PRO C 54 12.48 -20.10 -12.49
N LEU C 55 12.94 -18.87 -12.67
CA LEU C 55 13.09 -17.90 -11.59
C LEU C 55 12.49 -16.58 -12.04
N ALA C 56 11.54 -16.04 -11.27
CA ALA C 56 11.03 -14.70 -11.54
C ALA C 56 12.05 -13.67 -11.10
N VAL C 57 12.31 -12.67 -11.96
CA VAL C 57 13.14 -11.53 -11.61
C VAL C 57 12.45 -10.28 -12.13
N LYS C 58 12.85 -9.13 -11.60
CA LYS C 58 12.31 -7.85 -12.02
C LYS C 58 13.46 -6.91 -12.34
N LEU C 59 13.37 -6.24 -13.49
CA LEU C 59 14.46 -5.40 -14.00
C LEU C 59 13.82 -4.18 -14.61
N LEU C 60 14.14 -3.00 -14.09
CA LEU C 60 13.56 -1.74 -14.59
C LEU C 60 12.04 -1.83 -14.60
N ASN C 61 11.48 -2.44 -13.55
CA ASN C 61 10.05 -2.65 -13.35
C ASN C 61 9.42 -3.58 -14.38
N GLU C 62 10.21 -4.37 -15.12
CA GLU C 62 9.69 -5.38 -16.03
C GLU C 62 9.74 -6.74 -15.36
N GLN C 63 8.64 -7.49 -15.44
CA GLN C 63 8.59 -8.83 -14.85
C GLN C 63 9.07 -9.86 -15.87
N LEU C 64 10.15 -10.54 -15.53
CA LEU C 64 10.85 -11.45 -16.42
C LEU C 64 10.98 -12.81 -15.74
N VAL C 65 11.24 -13.82 -16.57
CA VAL C 65 11.48 -15.15 -16.06
C VAL C 65 12.78 -15.64 -16.67
N VAL C 66 13.61 -16.29 -15.86
CA VAL C 66 14.90 -16.83 -16.29
C VAL C 66 14.85 -18.34 -16.13
N ALA C 67 15.42 -19.06 -17.10
CA ALA C 67 15.53 -20.51 -17.02
C ALA C 67 16.76 -20.96 -17.77
N LYS C 68 17.23 -22.17 -17.46
CA LYS C 68 18.27 -22.82 -18.25
C LYS C 68 17.62 -23.89 -19.12
N LEU C 69 17.57 -23.64 -20.44
CA LEU C 69 16.99 -24.57 -21.41
C LEU C 69 18.15 -25.19 -22.18
N GLY C 70 18.45 -26.44 -21.90
CA GLY C 70 19.63 -27.05 -22.49
C GLY C 70 20.88 -26.36 -21.96
N ASP C 71 21.73 -25.88 -22.87
CA ASP C 71 22.98 -25.20 -22.51
C ASP C 71 22.82 -23.69 -22.35
N GLU C 72 21.66 -23.13 -22.65
CA GLU C 72 21.48 -21.70 -22.76
C GLU C 72 20.71 -21.14 -21.56
N TYR C 73 21.14 -19.97 -21.06
CA TYR C 73 20.32 -19.21 -20.12
C TYR C 73 19.39 -18.29 -20.91
N VAL C 74 18.10 -18.38 -20.63
CA VAL C 74 17.13 -17.63 -21.43
C VAL C 74 16.34 -16.72 -20.50
N ALA C 75 15.93 -15.56 -21.03
CA ALA C 75 15.10 -14.59 -20.32
C ALA C 75 13.92 -14.22 -21.19
N MET C 76 12.72 -14.34 -20.64
CA MET C 76 11.48 -14.01 -21.32
C MET C 76 10.63 -13.11 -20.44
N ARG C 77 9.66 -12.44 -21.05
CA ARG C 77 8.62 -11.80 -20.25
C ARG C 77 7.87 -12.87 -19.45
N ASP C 78 7.59 -12.57 -18.18
CA ASP C 78 6.98 -13.57 -17.30
C ASP C 78 5.46 -13.55 -17.46
N ARG C 79 5.01 -13.89 -18.67
CA ARG C 79 3.59 -13.72 -19.00
C ARG C 79 3.30 -14.59 -20.20
N CYS C 80 2.50 -15.63 -20.01
CA CYS C 80 2.17 -16.53 -21.10
C CYS C 80 1.29 -15.81 -22.13
N ALA C 81 1.54 -16.09 -23.42
CA ALA C 81 0.75 -15.45 -24.47
C ALA C 81 -0.72 -15.87 -24.47
N HIS C 82 -1.03 -17.04 -23.94
CA HIS C 82 -2.37 -17.62 -24.01
C HIS C 82 -3.36 -16.89 -23.11
N ARG C 83 -3.20 -17.03 -21.80
CA ARG C 83 -4.09 -16.41 -20.83
C ARG C 83 -3.31 -15.69 -19.71
N SER C 84 -2.05 -15.32 -19.95
CA SER C 84 -1.30 -14.38 -19.13
C SER C 84 -0.90 -14.93 -17.77
N ALA C 85 -0.89 -16.25 -17.59
CA ALA C 85 -0.32 -16.81 -16.37
C ALA C 85 1.19 -16.54 -16.32
N LYS C 86 1.76 -16.58 -15.12
CA LYS C 86 3.20 -16.39 -14.98
C LYS C 86 3.94 -17.68 -15.33
N LEU C 87 4.80 -17.59 -16.35
CA LEU C 87 5.66 -18.72 -16.68
C LEU C 87 6.58 -19.10 -15.54
N SER C 88 6.90 -18.16 -14.65
CA SER C 88 7.75 -18.48 -13.51
C SER C 88 7.10 -19.45 -12.52
N LEU C 89 5.79 -19.71 -12.65
CA LEU C 89 5.16 -20.77 -11.87
C LEU C 89 5.14 -22.10 -12.61
N GLY C 90 5.76 -22.17 -13.77
CA GLY C 90 5.78 -23.39 -14.56
C GLY C 90 7.01 -24.24 -14.31
N THR C 91 7.38 -25.03 -15.32
CA THR C 91 8.31 -26.13 -15.16
C THR C 91 9.26 -26.14 -16.35
N VAL C 92 10.54 -26.35 -16.08
CA VAL C 92 11.52 -26.58 -17.14
C VAL C 92 11.68 -28.07 -17.32
N SER C 93 11.43 -28.55 -18.54
CA SER C 93 11.76 -29.92 -18.94
C SER C 93 12.63 -29.86 -20.20
N GLY C 94 13.92 -30.14 -20.04
CA GLY C 94 14.83 -30.18 -21.18
C GLY C 94 14.99 -28.80 -21.77
N ASN C 95 14.64 -28.66 -23.04
CA ASN C 95 14.78 -27.40 -23.75
C ASN C 95 13.46 -26.63 -23.86
N ARG C 96 12.56 -26.77 -22.88
CA ARG C 96 11.28 -26.10 -22.93
C ARG C 96 10.92 -25.54 -21.57
N LEU C 97 10.25 -24.39 -21.57
CA LEU C 97 9.61 -23.82 -20.39
C LEU C 97 8.09 -23.97 -20.57
N GLN C 98 7.48 -24.79 -19.71
CA GLN C 98 6.07 -25.13 -19.80
C GLN C 98 5.25 -24.23 -18.88
N CYS C 99 4.21 -23.59 -19.44
CA CYS C 99 3.29 -22.78 -18.64
C CYS C 99 2.51 -23.65 -17.65
N PRO C 100 2.29 -23.16 -16.41
CA PRO C 100 1.56 -24.00 -15.43
C PRO C 100 0.08 -24.15 -15.71
N TYR C 101 -0.52 -23.32 -16.57
CA TYR C 101 -1.99 -23.28 -16.69
C TYR C 101 -2.48 -24.31 -17.70
N HIS C 102 -2.19 -24.10 -19.00
CA HIS C 102 -2.63 -25.07 -20.01
C HIS C 102 -1.44 -25.73 -20.74
N GLY C 103 -0.24 -25.66 -20.16
CA GLY C 103 0.89 -26.45 -20.61
C GLY C 103 1.52 -26.05 -21.93
N TRP C 104 1.26 -24.83 -22.43
CA TRP C 104 1.99 -24.37 -23.61
C TRP C 104 3.49 -24.44 -23.34
N GLN C 105 4.25 -24.92 -24.31
CA GLN C 105 5.69 -25.12 -24.13
C GLN C 105 6.45 -24.11 -24.97
N TYR C 106 7.33 -23.33 -24.34
CA TYR C 106 8.10 -22.30 -25.03
C TYR C 106 9.55 -22.74 -25.18
N ASP C 107 10.14 -22.44 -26.35
CA ASP C 107 11.53 -22.83 -26.62
C ASP C 107 12.48 -21.69 -26.24
N THR C 108 13.78 -21.86 -26.55
CA THR C 108 14.78 -20.86 -26.17
C THR C 108 14.58 -19.51 -26.85
N HIS C 109 13.78 -19.45 -27.92
CA HIS C 109 13.56 -18.20 -28.62
C HIS C 109 12.26 -17.53 -28.21
N GLY C 110 11.56 -18.09 -27.21
CA GLY C 110 10.30 -17.52 -26.77
C GLY C 110 9.09 -17.96 -27.56
N ALA C 111 9.25 -18.91 -28.49
CA ALA C 111 8.15 -19.31 -29.37
C ALA C 111 7.45 -20.53 -28.79
N CYS C 112 6.12 -20.52 -28.77
CA CYS C 112 5.40 -21.72 -28.36
C CYS C 112 5.55 -22.80 -29.42
N GLN C 113 5.95 -24.01 -29.00
CA GLN C 113 6.12 -25.14 -29.90
C GLN C 113 5.19 -26.31 -29.57
N LEU C 114 4.28 -26.15 -28.61
CA LEU C 114 3.29 -27.19 -28.35
C LEU C 114 2.11 -26.54 -27.63
N VAL C 115 0.93 -26.66 -28.24
CA VAL C 115 -0.35 -26.33 -27.62
C VAL C 115 -1.01 -27.67 -27.30
N PRO C 116 -0.91 -28.17 -26.06
CA PRO C 116 -1.40 -29.54 -25.79
C PRO C 116 -2.87 -29.74 -26.10
N ALA C 117 -3.70 -28.69 -26.06
CA ALA C 117 -5.12 -28.87 -26.33
C ALA C 117 -5.41 -29.07 -27.82
N CYS C 118 -4.52 -28.61 -28.70
CA CYS C 118 -4.71 -28.68 -30.15
C CYS C 118 -3.46 -29.28 -30.78
N PRO C 119 -3.11 -30.51 -30.42
CA PRO C 119 -1.78 -31.01 -30.79
C PRO C 119 -1.59 -31.17 -32.29
N ASN C 120 -2.66 -31.24 -33.06
CA ASN C 120 -2.59 -31.39 -34.51
C ASN C 120 -2.77 -30.08 -35.27
N SER C 121 -3.49 -29.12 -34.69
CA SER C 121 -3.63 -27.81 -35.30
C SER C 121 -2.27 -27.10 -35.35
N PRO C 122 -2.13 -26.11 -36.23
CA PRO C 122 -0.92 -25.29 -36.21
C PRO C 122 -1.00 -24.21 -35.15
N ILE C 123 0.16 -23.88 -34.60
CA ILE C 123 0.24 -22.96 -33.46
C ILE C 123 0.09 -21.54 -33.99
N PRO C 124 -0.75 -20.69 -33.38
CA PRO C 124 -0.91 -19.32 -33.86
C PRO C 124 0.43 -18.61 -33.93
N ASN C 125 0.56 -17.72 -34.92
CA ASN C 125 1.75 -16.88 -35.01
C ASN C 125 1.89 -16.01 -33.76
N LYS C 126 0.74 -15.65 -33.15
CA LYS C 126 0.61 -14.92 -31.89
C LYS C 126 1.32 -15.59 -30.71
N ALA C 127 1.55 -16.89 -30.77
CA ALA C 127 1.91 -17.69 -29.59
C ALA C 127 3.42 -17.64 -29.36
N LYS C 128 3.89 -16.44 -29.01
CA LYS C 128 5.30 -16.18 -28.72
C LYS C 128 5.36 -15.11 -27.65
N VAL C 129 6.39 -15.17 -26.80
CA VAL C 129 6.61 -14.13 -25.80
C VAL C 129 7.96 -13.48 -26.05
N ASP C 130 8.11 -12.23 -25.60
CA ASP C 130 9.36 -11.51 -25.85
C ASP C 130 10.54 -12.20 -25.19
N ARG C 131 11.64 -12.29 -25.93
CA ARG C 131 12.84 -12.98 -25.48
C ARG C 131 14.00 -11.97 -25.46
N PHE C 132 14.78 -11.95 -24.38
CA PHE C 132 15.84 -10.96 -24.20
C PHE C 132 17.21 -11.61 -24.08
N ASP C 133 18.22 -10.82 -24.48
CA ASP C 133 19.61 -11.17 -24.27
C ASP C 133 19.81 -11.63 -22.84
N CYS C 134 20.41 -12.79 -22.67
CA CYS C 134 20.61 -13.36 -21.35
C CYS C 134 21.90 -14.17 -21.38
N GLU C 135 22.86 -13.82 -20.54
CA GLU C 135 24.15 -14.48 -20.55
C GLU C 135 24.69 -14.61 -19.13
N GLU C 136 25.34 -15.75 -18.85
CA GLU C 136 26.06 -15.93 -17.61
C GLU C 136 27.46 -15.34 -17.75
N ARG C 137 27.91 -14.64 -16.70
CA ARG C 137 29.31 -14.23 -16.66
C ARG C 137 29.68 -13.94 -15.21
N TYR C 138 30.84 -14.44 -14.78
CA TYR C 138 31.32 -14.29 -13.41
C TYR C 138 30.43 -15.00 -12.38
N GLY C 139 29.55 -15.90 -12.80
CA GLY C 139 28.63 -16.53 -11.89
C GLY C 139 27.34 -15.77 -11.65
N LEU C 140 27.11 -14.70 -12.37
CA LEU C 140 25.85 -13.98 -12.36
C LEU C 140 25.15 -14.17 -13.69
N ILE C 141 23.83 -14.00 -13.69
CA ILE C 141 23.03 -13.96 -14.90
C ILE C 141 22.75 -12.51 -15.26
N TRP C 142 23.09 -12.11 -16.48
CA TRP C 142 22.91 -10.76 -16.97
C TRP C 142 21.84 -10.70 -18.07
N ILE C 143 21.06 -9.62 -18.08
CA ILE C 143 20.01 -9.43 -19.08
C ILE C 143 20.18 -8.06 -19.70
N ARG C 144 20.09 -7.98 -21.02
CA ARG C 144 20.04 -6.71 -21.73
C ARG C 144 18.69 -6.64 -22.43
N LEU C 145 17.85 -5.68 -22.02
CA LEU C 145 16.48 -5.64 -22.52
C LEU C 145 16.40 -5.15 -23.96
N ASP C 146 17.33 -4.28 -24.37
CA ASP C 146 17.31 -3.70 -25.71
C ASP C 146 18.70 -3.87 -26.31
N SER C 147 18.82 -4.67 -27.38
CA SER C 147 20.12 -4.89 -28.01
C SER C 147 20.33 -4.05 -29.26
N SER C 148 19.43 -3.08 -29.53
CA SER C 148 19.41 -2.42 -30.84
C SER C 148 20.65 -1.54 -31.08
N PHE C 149 21.22 -0.94 -30.03
CA PHE C 149 22.41 -0.12 -30.25
C PHE C 149 23.67 -0.96 -30.43
N ASP C 150 23.67 -2.20 -29.95
CA ASP C 150 24.72 -3.19 -30.22
C ASP C 150 26.11 -2.64 -29.88
N CYS C 151 26.20 -1.90 -28.77
CA CYS C 151 27.47 -1.31 -28.36
C CYS C 151 27.72 -1.39 -26.86
N THR C 152 26.93 -2.15 -26.11
CA THR C 152 27.16 -2.29 -24.68
C THR C 152 27.64 -3.71 -24.38
N GLU C 153 28.43 -3.83 -23.33
CA GLU C 153 29.04 -5.08 -22.94
C GLU C 153 28.77 -5.31 -21.47
N ILE C 154 28.85 -6.58 -21.08
CA ILE C 154 28.75 -6.93 -19.67
C ILE C 154 29.91 -6.25 -18.93
N PRO C 155 29.65 -5.57 -17.79
CA PRO C 155 30.73 -4.90 -17.05
C PRO C 155 31.98 -5.73 -16.79
N TYR C 156 33.10 -5.01 -16.65
CA TYR C 156 34.43 -5.60 -16.50
C TYR C 156 34.73 -5.93 -15.03
N PHE C 157 35.12 -7.17 -14.78
CA PHE C 157 35.59 -7.70 -13.51
C PHE C 157 37.03 -8.15 -13.71
N SER C 158 37.97 -7.42 -13.10
CA SER C 158 39.39 -7.63 -13.41
C SER C 158 39.93 -8.97 -12.94
N ALA C 159 39.32 -9.59 -11.92
CA ALA C 159 39.88 -10.81 -11.36
C ALA C 159 39.47 -12.07 -12.11
N ALA C 160 38.52 -11.97 -13.05
CA ALA C 160 38.11 -13.15 -13.82
C ALA C 160 39.29 -13.74 -14.57
N ASN C 161 39.42 -15.07 -14.49
CA ASN C 161 40.50 -15.82 -15.17
C ASN C 161 41.90 -15.38 -14.72
N ASP C 162 42.04 -14.86 -13.49
CA ASP C 162 43.35 -14.65 -12.90
C ASP C 162 43.58 -15.78 -11.90
N PRO C 163 44.39 -16.79 -12.24
CA PRO C 163 44.52 -17.96 -11.36
C PRO C 163 45.29 -17.69 -10.06
N ARG C 164 45.78 -16.49 -9.85
CA ARG C 164 46.37 -16.18 -8.56
C ARG C 164 45.33 -15.84 -7.49
N LEU C 165 44.07 -15.66 -7.86
CA LEU C 165 43.06 -15.06 -6.99
C LEU C 165 41.90 -16.03 -6.75
N ARG C 166 41.52 -16.18 -5.47
CA ARG C 166 40.33 -16.93 -5.09
C ARG C 166 39.13 -15.99 -5.13
N ILE C 167 38.05 -16.45 -5.75
CA ILE C 167 36.87 -15.62 -6.00
C ILE C 167 35.72 -16.13 -5.14
N VAL C 168 34.99 -15.21 -4.49
CA VAL C 168 33.81 -15.52 -3.68
C VAL C 168 32.66 -14.66 -4.17
N ILE C 169 31.54 -15.28 -4.51
CA ILE C 169 30.32 -14.59 -4.91
C ILE C 169 29.41 -14.54 -3.68
N GLN C 170 29.14 -13.34 -3.17
CA GLN C 170 28.26 -13.23 -2.01
C GLN C 170 26.79 -13.39 -2.43
N GLU C 171 25.95 -13.74 -1.44
CA GLU C 171 24.52 -13.70 -1.67
C GLU C 171 24.11 -12.27 -1.96
N PRO C 172 23.16 -12.06 -2.88
CA PRO C 172 22.70 -10.70 -3.19
C PRO C 172 22.08 -10.04 -1.98
N TYR C 173 22.11 -8.71 -1.98
CA TYR C 173 21.54 -7.96 -0.87
C TYR C 173 20.65 -6.84 -1.41
N TRP C 174 19.47 -6.71 -0.83
CA TRP C 174 18.44 -5.81 -1.31
C TRP C 174 18.41 -4.53 -0.48
N TRP C 175 18.33 -3.39 -1.16
CA TRP C 175 18.20 -2.09 -0.50
C TRP C 175 16.99 -1.34 -1.05
N ASP C 176 16.33 -0.59 -0.17
CA ASP C 176 15.29 0.34 -0.58
C ASP C 176 15.94 1.67 -0.97
N ALA C 177 16.72 1.61 -2.05
CA ALA C 177 17.42 2.77 -2.59
C ALA C 177 17.74 2.47 -4.04
N THR C 178 17.96 3.52 -4.84
CA THR C 178 18.15 3.36 -6.27
C THR C 178 19.59 2.97 -6.61
N ALA C 179 19.78 2.48 -7.84
CA ALA C 179 21.11 2.06 -8.27
C ALA C 179 22.07 3.23 -8.28
N GLU C 180 21.58 4.42 -8.67
CA GLU C 180 22.42 5.62 -8.68
C GLU C 180 22.89 5.97 -7.27
N ARG C 181 21.96 5.99 -6.31
CA ARG C 181 22.36 6.30 -4.94
C ARG C 181 23.32 5.25 -4.38
N ARG C 182 23.11 3.97 -4.73
CA ARG C 182 24.02 2.93 -4.27
C ARG C 182 25.41 3.11 -4.87
N TRP C 183 25.47 3.42 -6.18
CA TRP C 183 26.76 3.61 -6.84
C TRP C 183 27.53 4.77 -6.20
N GLU C 184 26.85 5.88 -5.97
CA GLU C 184 27.51 7.05 -5.41
C GLU C 184 28.00 6.80 -4.00
N ASN C 185 27.26 5.97 -3.25
CA ASN C 185 27.71 5.61 -1.91
C ASN C 185 29.00 4.80 -1.97
N PHE C 186 29.08 3.87 -2.92
CA PHE C 186 30.23 2.97 -2.96
C PHE C 186 31.51 3.70 -3.35
N THR C 187 31.41 4.72 -4.21
CA THR C 187 32.57 5.46 -4.68
C THR C 187 32.85 6.73 -3.89
N ASP C 188 32.21 6.94 -2.75
CA ASP C 188 32.47 8.13 -1.95
C ASP C 188 33.37 7.80 -0.75
N PHE C 189 34.32 8.70 -0.45
CA PHE C 189 35.21 8.51 0.68
C PHE C 189 34.91 9.46 1.82
N SER C 190 34.22 10.56 1.53
CA SER C 190 33.80 11.52 2.54
C SER C 190 33.05 10.88 3.71
N HIS C 191 32.32 9.77 3.47
CA HIS C 191 31.43 9.26 4.51
C HIS C 191 32.08 8.33 5.53
N PHE C 192 33.36 7.97 5.36
CA PHE C 192 33.97 6.95 6.22
C PHE C 192 33.95 7.34 7.70
N ALA C 193 34.34 8.58 8.02
CA ALA C 193 34.48 8.97 9.42
C ALA C 193 33.16 8.93 10.17
N PHE C 194 32.05 9.01 9.45
CA PHE C 194 30.74 9.11 10.08
C PHE C 194 29.92 7.83 9.99
N ILE C 195 30.00 7.10 8.88
CA ILE C 195 29.28 5.84 8.76
C ILE C 195 30.16 4.65 9.18
N HIS C 196 31.44 4.71 8.87
CA HIS C 196 32.36 3.60 9.11
C HIS C 196 33.51 3.96 10.06
N PRO C 197 33.27 4.63 11.20
CA PRO C 197 34.42 5.08 12.02
C PRO C 197 35.28 3.93 12.57
N GLY C 198 34.67 2.86 13.05
CA GLY C 198 35.49 1.78 13.56
C GLY C 198 35.97 0.77 12.54
N THR C 199 35.48 0.84 11.31
CA THR C 199 35.63 -0.23 10.33
C THR C 199 36.46 0.16 9.12
N LEU C 200 36.30 1.38 8.60
CA LEU C 200 37.06 1.84 7.45
C LEU C 200 37.81 3.15 7.67
N PHE C 201 37.40 3.98 8.64
CA PHE C 201 37.98 5.31 8.81
C PHE C 201 39.45 5.25 9.25
N ASP C 202 40.20 6.27 8.84
CA ASP C 202 41.64 6.38 9.05
C ASP C 202 41.95 7.82 9.41
N PRO C 203 42.09 8.11 10.70
CA PRO C 203 42.62 9.39 11.13
C PRO C 203 43.74 10.00 10.26
N ASN C 204 44.67 9.15 9.81
CA ASN C 204 45.85 9.59 9.09
C ASN C 204 45.73 9.46 7.57
N ASN C 205 44.50 9.54 7.05
CA ASN C 205 44.19 9.38 5.63
C ASN C 205 42.75 9.88 5.47
N ALA C 206 42.39 10.89 6.27
CA ALA C 206 41.01 11.18 6.65
C ALA C 206 40.27 12.12 5.71
N GLU C 207 40.92 12.58 4.63
CA GLU C 207 40.21 13.23 3.54
C GLU C 207 41.03 13.09 2.26
N PRO C 208 40.89 11.97 1.54
CA PRO C 208 41.63 11.79 0.29
C PRO C 208 41.34 12.90 -0.72
N PRO C 209 42.27 13.13 -1.63
CA PRO C 209 42.17 14.27 -2.56
C PRO C 209 41.07 14.14 -3.61
N ILE C 210 40.89 15.25 -4.33
CA ILE C 210 40.28 15.24 -5.65
C ILE C 210 41.25 14.58 -6.62
N VAL C 211 40.78 13.58 -7.37
CA VAL C 211 41.68 12.83 -8.26
C VAL C 211 41.22 13.07 -9.71
N PRO C 212 42.13 12.88 -10.66
CA PRO C 212 41.71 12.90 -12.07
C PRO C 212 40.84 11.69 -12.39
N MET C 213 39.85 11.90 -13.25
CA MET C 213 38.94 10.85 -13.69
C MET C 213 38.97 10.77 -15.21
N ASP C 214 39.20 9.58 -15.75
CA ASP C 214 39.17 9.33 -17.18
C ASP C 214 37.92 8.56 -17.58
N ARG C 215 37.34 8.91 -18.73
CA ARG C 215 36.40 8.04 -19.43
C ARG C 215 37.17 7.26 -20.48
N PHE C 216 37.09 5.93 -20.44
CA PHE C 216 37.74 5.11 -21.46
C PHE C 216 36.94 3.83 -21.64
N ASN C 217 36.49 3.57 -22.88
CA ASN C 217 35.80 2.32 -23.23
C ASN C 217 34.53 2.12 -22.41
N GLY C 218 33.84 3.23 -22.13
CA GLY C 218 32.60 3.16 -21.37
C GLY C 218 32.76 2.98 -19.88
N GLN C 219 33.97 3.13 -19.37
CA GLN C 219 34.29 3.03 -17.95
C GLN C 219 34.80 4.37 -17.42
N PHE C 220 34.49 4.65 -16.15
CA PHE C 220 35.24 5.63 -15.38
C PHE C 220 36.46 4.96 -14.77
N ARG C 221 37.63 5.59 -14.95
CA ARG C 221 38.87 5.08 -14.37
C ARG C 221 39.47 6.19 -13.52
N PHE C 222 39.76 5.88 -12.25
CA PHE C 222 40.39 6.84 -11.36
C PHE C 222 41.06 6.07 -10.23
N VAL C 223 42.13 6.65 -9.68
CA VAL C 223 42.96 5.99 -8.68
C VAL C 223 43.11 6.89 -7.45
N TYR C 224 43.27 6.26 -6.29
CA TYR C 224 43.44 6.95 -5.01
C TYR C 224 44.66 6.40 -4.27
N ASP C 225 45.06 7.11 -3.22
CA ASP C 225 46.11 6.67 -2.29
C ASP C 225 45.85 7.19 -0.88
N SER C 240 46.23 1.63 -1.90
CA SER C 240 46.16 2.20 -3.24
C SER C 240 44.96 1.64 -4.02
N PHE C 241 43.95 2.51 -4.24
CA PHE C 241 42.65 2.09 -4.77
C PHE C 241 42.55 2.43 -6.25
N SER C 242 42.37 1.40 -7.10
CA SER C 242 42.23 1.60 -8.53
C SER C 242 40.83 1.17 -8.97
N TYR C 243 40.04 2.14 -9.43
CA TYR C 243 38.65 1.93 -9.84
C TYR C 243 38.50 1.83 -11.35
N THR C 244 37.76 0.80 -11.81
CA THR C 244 37.27 0.72 -13.18
C THR C 244 35.76 0.53 -13.09
N CYS C 245 35.00 1.56 -13.43
CA CYS C 245 33.56 1.55 -13.25
C CYS C 245 32.87 1.47 -14.60
N SER C 246 32.39 0.27 -14.98
CA SER C 246 31.62 0.14 -16.21
C SER C 246 30.27 0.81 -16.05
N MET C 247 30.00 1.83 -16.86
CA MET C 247 28.75 2.54 -16.73
C MET C 247 27.56 1.64 -17.10
N PRO C 248 26.42 1.82 -16.42
CA PRO C 248 26.15 2.84 -15.39
C PRO C 248 26.30 2.39 -13.91
N PHE C 249 26.36 1.10 -13.58
CA PHE C 249 26.12 0.69 -12.19
C PHE C 249 27.15 -0.28 -11.62
N ALA C 250 28.25 -0.55 -12.31
CA ALA C 250 29.20 -1.53 -11.83
C ALA C 250 30.48 -0.84 -11.38
N ILE C 251 31.10 -1.38 -10.34
CA ILE C 251 32.36 -0.87 -9.82
C ILE C 251 33.32 -2.04 -9.63
N ASN C 252 34.50 -1.93 -10.23
CA ASN C 252 35.58 -2.89 -10.04
C ASN C 252 36.70 -2.14 -9.33
N LEU C 253 36.96 -2.51 -8.08
CA LEU C 253 37.94 -1.81 -7.25
C LEU C 253 39.08 -2.76 -6.95
N GLU C 254 40.27 -2.45 -7.47
CA GLU C 254 41.48 -3.19 -7.15
C GLU C 254 42.25 -2.45 -6.07
N VAL C 255 42.49 -3.14 -4.95
CA VAL C 255 43.22 -2.59 -3.82
C VAL C 255 44.57 -3.29 -3.73
N SER C 256 45.64 -2.51 -3.73
CA SER C 256 46.98 -2.97 -3.33
C SER C 256 47.15 -2.55 -1.88
N LYS C 257 47.00 -3.50 -0.96
CA LYS C 257 46.78 -3.24 0.46
C LYS C 257 48.06 -2.80 1.17
N TYR C 258 47.89 -1.91 2.15
CA TYR C 258 49.01 -1.44 2.97
C TYR C 258 49.38 -2.45 4.06
N SER C 259 48.40 -3.11 4.65
CA SER C 259 48.64 -3.98 5.80
C SER C 259 49.19 -5.35 5.44
N SER C 260 48.99 -5.81 4.20
CA SER C 260 49.46 -7.14 3.81
C SER C 260 50.17 -7.20 2.46
N SER C 261 50.16 -6.13 1.66
CA SER C 261 50.87 -6.08 0.38
C SER C 261 50.41 -7.19 -0.57
N SER C 262 49.09 -7.32 -0.73
CA SER C 262 48.49 -8.34 -1.58
C SER C 262 47.19 -7.83 -2.18
N LEU C 263 46.87 -8.34 -3.38
CA LEU C 263 45.77 -7.81 -4.17
C LEU C 263 44.43 -8.28 -3.65
N HIS C 264 43.48 -7.34 -3.50
CA HIS C 264 42.09 -7.60 -3.16
C HIS C 264 41.24 -6.89 -4.22
N VAL C 265 40.24 -7.57 -4.77
CA VAL C 265 39.36 -6.96 -5.77
C VAL C 265 37.92 -7.02 -5.28
N LEU C 266 37.23 -5.88 -5.32
CA LEU C 266 35.81 -5.79 -5.02
C LEU C 266 35.06 -5.45 -6.31
N PHE C 267 34.05 -6.26 -6.63
CA PHE C 267 33.24 -6.05 -7.82
C PHE C 267 31.80 -5.90 -7.34
N ASN C 268 31.26 -4.69 -7.42
CA ASN C 268 29.92 -4.42 -6.91
C ASN C 268 29.06 -3.88 -8.05
N VAL C 269 27.87 -4.45 -8.21
CA VAL C 269 26.97 -4.01 -9.27
C VAL C 269 25.55 -4.07 -8.74
N SER C 270 24.76 -3.05 -9.09
CA SER C 270 23.38 -2.89 -8.61
C SER C 270 22.41 -3.15 -9.74
N CYS C 271 21.47 -4.06 -9.51
CA CYS C 271 20.37 -4.26 -10.44
C CYS C 271 19.27 -3.23 -10.14
N PRO C 272 18.92 -2.36 -11.09
CA PRO C 272 17.80 -1.44 -10.84
C PRO C 272 16.48 -2.18 -10.99
N VAL C 273 15.97 -2.71 -9.87
CA VAL C 273 14.76 -3.54 -9.91
C VAL C 273 13.54 -2.71 -10.26
N ASP C 274 13.36 -1.57 -9.59
CA ASP C 274 12.30 -0.63 -9.92
C ASP C 274 12.76 0.74 -9.45
N SER C 275 11.81 1.69 -9.38
CA SER C 275 12.16 3.08 -9.08
C SER C 275 12.67 3.30 -7.66
N HIS C 276 12.50 2.35 -6.74
CA HIS C 276 12.95 2.58 -5.38
C HIS C 276 13.75 1.42 -4.79
N THR C 277 14.17 0.45 -5.61
CA THR C 277 14.73 -0.80 -5.09
C THR C 277 15.95 -1.21 -5.91
N THR C 278 16.97 -1.75 -5.21
CA THR C 278 18.09 -2.39 -5.87
C THR C 278 18.31 -3.78 -5.30
N LYS C 279 18.69 -4.68 -6.18
CA LYS C 279 19.22 -5.99 -5.80
C LYS C 279 20.71 -5.91 -6.13
N ASN C 280 21.55 -5.99 -5.10
CA ASN C 280 22.97 -5.68 -5.23
C ASN C 280 23.80 -6.95 -5.12
N PHE C 281 24.89 -6.99 -5.89
CA PHE C 281 25.76 -8.15 -6.00
C PHE C 281 27.16 -7.71 -5.64
N LEU C 282 27.84 -8.51 -4.81
CA LEU C 282 29.25 -8.29 -4.53
C LEU C 282 30.00 -9.57 -4.83
N ILE C 283 31.04 -9.45 -5.64
CA ILE C 283 32.01 -10.53 -5.83
C ILE C 283 33.35 -9.98 -5.38
N PHE C 284 34.10 -10.76 -4.63
CA PHE C 284 35.40 -10.27 -4.20
C PHE C 284 36.44 -11.35 -4.42
N ALA C 285 37.66 -10.91 -4.75
CA ALA C 285 38.75 -11.80 -5.07
C ALA C 285 39.97 -11.39 -4.24
N ARG C 286 40.78 -12.38 -3.88
CA ARG C 286 41.92 -12.09 -3.02
C ARG C 286 43.08 -13.03 -3.34
N GLU C 287 44.30 -12.48 -3.24
CA GLU C 287 45.52 -13.22 -3.52
C GLU C 287 45.92 -14.10 -2.34
N GLN C 288 45.91 -13.54 -1.14
CA GLN C 288 46.14 -14.29 0.10
C GLN C 288 44.83 -14.98 0.47
N SER C 289 44.71 -16.26 0.14
CA SER C 289 43.45 -16.99 0.31
C SER C 289 43.57 -18.16 1.28
N ASP C 290 44.55 -18.14 2.18
CA ASP C 290 44.68 -19.14 3.24
C ASP C 290 43.68 -18.93 4.38
N ASP C 291 43.02 -17.79 4.43
CA ASP C 291 42.10 -17.45 5.50
C ASP C 291 40.67 -17.86 5.10
N SER C 292 39.72 -17.63 6.01
CA SER C 292 38.34 -18.00 5.76
C SER C 292 37.65 -17.00 4.86
N ASP C 293 36.88 -17.52 3.88
CA ASP C 293 36.01 -16.66 3.08
C ASP C 293 35.09 -15.80 3.95
N TYR C 294 34.66 -16.34 5.09
CA TYR C 294 33.67 -15.67 5.94
C TYR C 294 34.26 -14.56 6.77
N LEU C 295 35.58 -14.55 6.97
CA LEU C 295 36.22 -13.37 7.54
C LEU C 295 35.91 -12.14 6.70
N HIS C 296 36.05 -12.27 5.38
CA HIS C 296 35.79 -11.16 4.49
C HIS C 296 34.30 -10.92 4.27
N ILE C 297 33.49 -11.98 4.15
CA ILE C 297 32.05 -11.82 3.98
C ILE C 297 31.48 -11.05 5.16
N ALA C 298 31.85 -11.43 6.37
CA ALA C 298 31.36 -10.77 7.57
C ALA C 298 31.75 -9.29 7.59
N PHE C 299 32.97 -8.99 7.15
CA PHE C 299 33.40 -7.60 7.11
C PHE C 299 32.60 -6.82 6.07
N ASN C 300 32.50 -7.37 4.85
CA ASN C 300 31.67 -6.71 3.84
C ASN C 300 30.25 -6.52 4.33
N ASP C 301 29.70 -7.51 5.02
CA ASP C 301 28.31 -7.38 5.46
C ASP C 301 28.19 -6.31 6.55
N LEU C 302 29.20 -6.18 7.40
CA LEU C 302 29.19 -5.12 8.41
C LEU C 302 29.22 -3.73 7.77
N VAL C 303 30.11 -3.55 6.79
CA VAL C 303 30.16 -2.27 6.07
C VAL C 303 28.82 -1.94 5.43
N PHE C 304 28.21 -2.92 4.73
CA PHE C 304 26.92 -2.66 4.10
C PHE C 304 25.84 -2.34 5.12
N ALA C 305 25.85 -3.03 6.26
CA ALA C 305 24.85 -2.76 7.30
C ALA C 305 25.02 -1.36 7.86
N GLU C 306 26.24 -0.83 7.89
CA GLU C 306 26.43 0.56 8.36
C GLU C 306 25.91 1.55 7.32
N ASP C 307 26.18 1.29 6.02
CA ASP C 307 25.67 2.18 4.98
C ASP C 307 24.15 2.12 4.85
N LYS C 308 23.57 0.90 4.94
CA LYS C 308 22.19 0.68 4.49
C LYS C 308 21.17 1.66 5.03
N PRO C 309 21.04 1.87 6.35
CA PRO C 309 19.94 2.73 6.82
C PRO C 309 20.09 4.17 6.37
N VAL C 310 21.32 4.67 6.26
CA VAL C 310 21.51 6.05 5.81
C VAL C 310 21.15 6.19 4.34
N ILE C 311 21.60 5.24 3.49
CA ILE C 311 21.27 5.35 2.08
C ILE C 311 19.77 5.18 1.87
N GLU C 312 19.15 4.24 2.59
CA GLU C 312 17.71 4.05 2.41
C GLU C 312 16.92 5.26 2.90
N SER C 313 17.50 6.08 3.77
CA SER C 313 16.80 7.27 4.26
C SER C 313 16.78 8.42 3.25
N GLN C 314 17.69 8.42 2.27
CA GLN C 314 17.75 9.52 1.31
C GLN C 314 16.42 9.64 0.57
N TRP C 315 15.88 10.86 0.51
CA TRP C 315 14.60 11.10 -0.13
C TRP C 315 14.58 12.50 -0.76
N PRO C 316 13.93 12.65 -1.92
CA PRO C 316 13.28 11.60 -2.74
C PRO C 316 14.29 10.54 -3.24
N LYS C 317 13.79 9.40 -3.73
CA LYS C 317 14.68 8.29 -4.06
C LYS C 317 15.68 8.69 -5.16
N ASP C 318 15.23 9.45 -6.16
CA ASP C 318 16.09 10.01 -7.19
C ASP C 318 16.61 11.38 -6.78
N ALA C 319 17.91 11.61 -7.00
CA ALA C 319 18.53 12.88 -6.62
C ALA C 319 17.88 14.03 -7.37
N PRO C 320 17.26 14.99 -6.67
CA PRO C 320 16.69 16.15 -7.35
C PRO C 320 17.72 17.26 -7.54
N ALA C 321 17.30 18.28 -8.29
CA ALA C 321 18.18 19.38 -8.66
C ALA C 321 18.62 20.21 -7.46
N ASP C 322 17.90 20.16 -6.35
CA ASP C 322 18.21 21.06 -5.25
C ASP C 322 19.36 20.56 -4.37
N GLU C 323 19.92 19.38 -4.64
CA GLU C 323 21.01 18.89 -3.82
C GLU C 323 22.25 19.76 -4.02
N VAL C 324 22.99 19.98 -2.93
CA VAL C 324 24.11 20.92 -2.87
C VAL C 324 25.41 20.14 -2.89
N SER C 325 26.19 20.25 -3.96
CA SER C 325 27.48 19.57 -3.99
C SER C 325 28.59 20.48 -3.49
N VAL C 326 29.68 19.86 -3.02
CA VAL C 326 30.92 20.56 -2.70
C VAL C 326 32.04 19.94 -3.53
N VAL C 327 33.22 20.55 -3.48
CA VAL C 327 34.32 20.16 -4.36
C VAL C 327 34.70 18.70 -4.14
N ALA C 328 34.65 18.22 -2.89
CA ALA C 328 34.99 16.84 -2.59
C ALA C 328 34.02 15.82 -3.22
N ASP C 329 32.90 16.27 -3.78
CA ASP C 329 31.93 15.40 -4.46
C ASP C 329 32.30 15.13 -5.93
N LYS C 330 33.57 15.28 -6.31
CA LYS C 330 33.92 15.21 -7.73
C LYS C 330 33.39 13.94 -8.39
N VAL C 331 33.63 12.77 -7.78
CA VAL C 331 33.19 11.52 -8.40
C VAL C 331 31.70 11.55 -8.66
N SER C 332 30.91 11.88 -7.64
CA SER C 332 29.45 11.97 -7.77
C SER C 332 29.04 12.99 -8.84
N ILE C 333 29.71 14.15 -8.86
CA ILE C 333 29.33 15.19 -9.81
C ILE C 333 29.56 14.71 -11.24
N GLN C 334 30.72 14.08 -11.48
CA GLN C 334 31.06 13.62 -12.81
C GLN C 334 30.19 12.43 -13.22
N TYR C 335 29.87 11.56 -12.26
CA TYR C 335 28.95 10.46 -12.51
C TYR C 335 27.60 10.99 -13.02
N ARG C 336 27.02 11.95 -12.29
CA ARG C 336 25.72 12.48 -12.68
C ARG C 336 25.76 13.17 -14.04
N LYS C 337 26.89 13.82 -14.36
CA LYS C 337 27.05 14.47 -15.66
C LYS C 337 27.08 13.46 -16.79
N TRP C 338 27.83 12.37 -16.62
CA TRP C 338 27.87 11.37 -17.69
C TRP C 338 26.52 10.69 -17.86
N LEU C 339 25.84 10.36 -16.75
CA LEU C 339 24.49 9.78 -16.86
C LEU C 339 23.57 10.70 -17.64
N ARG C 340 23.58 11.99 -17.32
CA ARG C 340 22.75 12.94 -18.05
C ARG C 340 23.10 12.94 -19.53
N GLU C 341 24.39 12.88 -19.86
CA GLU C 341 24.79 12.88 -21.28
C GLU C 341 24.32 11.61 -21.98
N LEU C 342 24.42 10.46 -21.30
CA LEU C 342 23.95 9.23 -21.91
C LEU C 342 22.46 9.28 -22.15
N LYS C 343 21.73 9.88 -21.21
CA LYS C 343 20.28 10.01 -21.37
C LYS C 343 19.92 10.89 -22.56
N GLU C 344 20.63 12.02 -22.72
CA GLU C 344 20.40 12.87 -23.89
C GLU C 344 20.76 12.13 -25.17
N ALA C 345 21.91 11.47 -25.17
CA ALA C 345 22.39 10.82 -26.38
C ALA C 345 21.46 9.69 -26.83
N HIS C 346 20.88 8.97 -25.87
CA HIS C 346 19.89 7.94 -26.22
C HIS C 346 18.73 8.55 -27.01
N LYS C 347 18.26 9.73 -26.61
CA LYS C 347 17.19 10.38 -27.36
C LYS C 347 17.61 10.71 -28.79
N GLU C 348 18.90 10.89 -29.03
CA GLU C 348 19.39 11.21 -30.36
C GLU C 348 19.65 9.99 -31.22
N GLY C 349 19.96 8.84 -30.64
CA GLY C 349 20.03 7.64 -31.43
C GLY C 349 21.32 6.89 -31.25
N SER C 350 21.45 5.80 -32.02
CA SER C 350 22.50 4.80 -31.81
C SER C 350 23.90 5.40 -31.88
N GLN C 351 24.17 6.15 -32.96
CA GLN C 351 25.49 6.75 -33.14
C GLN C 351 25.82 7.71 -31.99
N ALA C 352 24.88 8.61 -31.68
CA ALA C 352 25.12 9.58 -30.61
C ALA C 352 25.34 8.87 -29.28
N PHE C 353 24.55 7.84 -29.01
CA PHE C 353 24.71 7.07 -27.79
C PHE C 353 26.08 6.40 -27.76
N ARG C 354 26.48 5.78 -28.88
CA ARG C 354 27.76 5.10 -28.91
C ARG C 354 28.90 6.08 -28.65
N SER C 355 28.79 7.30 -29.17
CA SER C 355 29.85 8.26 -28.94
C SER C 355 29.88 8.74 -27.49
N ALA C 356 28.69 8.99 -26.91
CA ALA C 356 28.64 9.43 -25.52
C ALA C 356 29.20 8.37 -24.58
N LEU C 357 28.98 7.09 -24.89
CA LEU C 357 29.44 6.02 -24.02
C LEU C 357 30.91 5.68 -24.23
N LEU C 358 31.38 5.65 -25.49
CA LEU C 358 32.67 5.05 -25.78
C LEU C 358 33.80 6.02 -26.12
N ASP C 359 33.49 7.29 -26.40
CA ASP C 359 34.56 8.26 -26.66
C ASP C 359 35.43 8.43 -25.43
N PRO C 360 36.75 8.46 -25.59
CA PRO C 360 37.63 8.68 -24.45
C PRO C 360 37.63 10.14 -24.03
N VAL C 361 37.80 10.36 -22.74
CA VAL C 361 37.93 11.71 -22.17
C VAL C 361 38.95 11.57 -21.05
N ILE C 362 40.17 12.06 -21.28
CA ILE C 362 41.30 11.77 -20.40
C ILE C 362 41.68 13.02 -19.60
N GLU C 363 41.69 12.88 -18.27
CA GLU C 363 42.23 13.90 -17.38
C GLU C 363 43.59 13.55 -16.79
N SER C 364 43.93 12.27 -16.73
CA SER C 364 45.11 11.84 -16.01
C SER C 364 46.36 11.85 -16.90
N ASP C 365 47.50 11.57 -16.25
CA ASP C 365 48.78 11.32 -16.93
C ASP C 365 48.85 9.96 -17.59
N ARG C 366 47.88 9.08 -17.34
CA ARG C 366 47.99 7.71 -17.81
C ARG C 366 47.74 7.59 -19.31
N SER C 367 48.24 6.50 -19.88
CA SER C 367 47.94 6.08 -21.24
C SER C 367 47.24 4.73 -21.17
N TYR C 368 46.21 4.54 -22.01
CA TYR C 368 45.43 3.30 -21.95
C TYR C 368 45.57 2.46 -23.22
FE1 FES D . -24.71 7.60 13.18
FE2 FES D . -24.37 9.88 14.55
S1 FES D . -22.98 8.96 13.11
S2 FES D . -26.01 8.41 14.74
FE FE E . -9.26 -26.20 -12.05
FE1 FES F . 24.14 15.01 4.84
FE2 FES F . 25.99 14.40 3.00
S1 FES F . 26.29 15.40 4.94
S2 FES F . 23.84 13.85 3.00
FE FE G . -16.56 9.49 23.88
FE1 FES H . -2.78 -21.05 -20.97
FE2 FES H . -0.26 -20.39 -20.39
S1 FES H . -2.09 -19.35 -19.74
S2 FES H . -0.94 -22.19 -21.42
FE FE I . 30.13 3.00 3.00
#